data_5JPO
#
_entry.id   5JPO
#
_cell.length_a   115.499
_cell.length_b   101.054
_cell.length_c   93.732
_cell.angle_alpha   90.000
_cell.angle_beta   98.750
_cell.angle_gamma   90.000
#
_symmetry.space_group_name_H-M   'C 1 2 1'
#
loop_
_entity.id
_entity.type
_entity.pdbx_description
1 polymer 'Elongation factor 1-gamma'
2 polymer 'Elongation factor 1-delta'
3 non-polymer GLYCEROL
4 water water
#
loop_
_entity_poly.entity_id
_entity_poly.type
_entity_poly.pdbx_seq_one_letter_code
_entity_poly.pdbx_strand_id
1 'polypeptide(L)'
;GAMAAGTLYTYPENWRAFKALIAAQYSGAQVRVLSAPPHFHFGQTNRTPEFLRKFPAGKVPAFEGDDGFCVFESNAIAYY
VSNEELRGSTPEAAAQVVQWVSFADSDIVPPASTWVFPTLGIMHHNKQATENAKEEVRRILGLLDAYLKTRTFLVGERVT
LADITVVCTLLWLYKQVLEPSFRQAFPNTNRWFLTCINQPQFRAVLGEVKLCEKMAQFDA
;
A,B,C,D
2 'polypeptide(L)' GAMATNFLAHEKIWFDKFKYDDAERRFYEQMN E
#
loop_
_chem_comp.id
_chem_comp.type
_chem_comp.name
_chem_comp.formula
GOL non-polymer GLYCEROL 'C3 H8 O3'
#
# COMPACT_ATOMS: atom_id res chain seq x y z
N ALA A 2 -19.27 -30.77 -6.91
CA ALA A 2 -19.20 -31.93 -6.01
C ALA A 2 -18.19 -32.97 -6.50
N MET A 3 -16.91 -32.79 -6.15
CA MET A 3 -16.45 -31.60 -5.47
C MET A 3 -15.91 -30.64 -6.52
N ALA A 4 -15.62 -29.40 -6.12
CA ALA A 4 -15.09 -28.41 -7.07
C ALA A 4 -13.74 -28.84 -7.64
N ALA A 5 -13.53 -28.51 -8.90
CA ALA A 5 -12.25 -28.72 -9.55
C ALA A 5 -11.95 -27.49 -10.38
N GLY A 6 -10.79 -26.91 -10.16
CA GLY A 6 -10.48 -25.67 -10.85
C GLY A 6 -9.13 -25.08 -10.50
N THR A 7 -8.93 -23.86 -10.97
CA THR A 7 -7.66 -23.16 -10.87
C THR A 7 -7.81 -21.92 -10.00
N LEU A 8 -6.86 -21.68 -9.12
CA LEU A 8 -6.92 -20.53 -8.23
C LEU A 8 -5.75 -19.57 -8.46
N TYR A 9 -6.05 -18.32 -8.81
CA TYR A 9 -5.00 -17.30 -9.01
C TYR A 9 -4.77 -16.47 -7.74
N THR A 10 -3.53 -16.29 -7.35
CA THR A 10 -3.24 -15.49 -6.17
C THR A 10 -1.77 -15.11 -6.12
N TYR A 11 -1.44 -14.09 -5.33
CA TYR A 11 -0.06 -13.90 -4.94
C TYR A 11 0.23 -14.90 -3.84
N PRO A 12 1.50 -15.32 -3.69
CA PRO A 12 1.80 -16.31 -2.66
C PRO A 12 1.69 -15.71 -1.26
N GLU A 13 1.46 -16.56 -0.26
CA GLU A 13 1.34 -16.15 1.14
C GLU A 13 0.16 -15.21 1.35
N ASN A 14 -0.93 -15.49 0.64
CA ASN A 14 -2.17 -14.73 0.77
C ASN A 14 -3.11 -15.46 1.72
N TRP A 15 -3.34 -14.89 2.91
CA TRP A 15 -4.24 -15.51 3.89
C TRP A 15 -5.63 -15.73 3.27
N ARG A 16 -6.01 -14.86 2.33
CA ARG A 16 -7.33 -14.99 1.72
C ARG A 16 -7.40 -16.24 0.85
N ALA A 17 -6.29 -16.56 0.18
CA ALA A 17 -6.20 -17.80 -0.57
C ALA A 17 -6.14 -19.02 0.34
N PHE A 18 -5.50 -18.87 1.50
CA PHE A 18 -5.35 -20.01 2.42
C PHE A 18 -6.72 -20.55 2.85
N LYS A 19 -7.70 -19.67 3.02
CA LYS A 19 -9.03 -20.09 3.44
C LYS A 19 -9.56 -21.19 2.53
N ALA A 20 -9.46 -20.95 1.23
CA ALA A 20 -9.98 -21.88 0.23
C ALA A 20 -9.14 -23.14 0.18
N LEU A 21 -7.83 -22.98 0.26
CA LEU A 21 -6.94 -24.12 0.17
C LEU A 21 -7.11 -25.05 1.38
N ILE A 22 -7.32 -24.49 2.55
CA ILE A 22 -7.57 -25.32 3.72
C ILE A 22 -8.94 -25.99 3.58
N ALA A 23 -9.93 -25.22 3.15
CA ALA A 23 -11.25 -25.80 2.89
C ALA A 23 -11.14 -26.97 1.92
N ALA A 24 -10.29 -26.85 0.90
CA ALA A 24 -10.13 -27.91 -0.09
C ALA A 24 -9.49 -29.16 0.53
N GLN A 25 -8.58 -28.97 1.49
CA GLN A 25 -8.01 -30.12 2.22
C GLN A 25 -9.10 -30.95 2.88
N TYR A 26 -10.10 -30.29 3.46
CA TYR A 26 -11.19 -31.04 4.12
C TYR A 26 -12.11 -31.69 3.09
N SER A 27 -12.47 -30.96 2.05
CA SER A 27 -13.53 -31.41 1.15
C SER A 27 -13.04 -32.38 0.08
N GLY A 28 -11.77 -32.30 -0.27
CA GLY A 28 -11.25 -33.07 -1.38
C GLY A 28 -11.29 -32.36 -2.73
N ALA A 29 -11.64 -31.07 -2.74
CA ALA A 29 -11.65 -30.30 -3.98
C ALA A 29 -10.24 -30.25 -4.59
N GLN A 30 -10.18 -30.34 -5.91
CA GLN A 30 -8.91 -30.29 -6.62
C GLN A 30 -8.64 -28.87 -7.08
N VAL A 31 -7.80 -28.16 -6.35
CA VAL A 31 -7.51 -26.77 -6.66
C VAL A 31 -6.06 -26.60 -7.10
N ARG A 32 -5.87 -26.25 -8.37
CA ARG A 32 -4.55 -25.95 -8.89
C ARG A 32 -4.21 -24.48 -8.62
N VAL A 33 -3.12 -24.22 -7.92
CA VAL A 33 -2.73 -22.85 -7.61
C VAL A 33 -1.76 -22.30 -8.64
N LEU A 34 -2.10 -21.16 -9.22
CA LEU A 34 -1.17 -20.43 -10.10
C LEU A 34 -0.79 -19.12 -9.41
N SER A 35 0.45 -19.02 -8.95
CA SER A 35 0.85 -17.88 -8.14
C SER A 35 2.20 -17.29 -8.53
N ALA A 36 2.65 -17.59 -9.75
CA ALA A 36 3.96 -17.10 -10.19
C ALA A 36 3.95 -16.94 -11.70
N PRO A 37 4.81 -16.03 -12.22
CA PRO A 37 4.92 -15.89 -13.68
C PRO A 37 5.37 -17.21 -14.31
N PRO A 38 4.99 -17.48 -15.57
CA PRO A 38 4.23 -16.61 -16.48
C PRO A 38 2.72 -16.61 -16.26
N HIS A 39 2.22 -17.43 -15.34
CA HIS A 39 0.78 -17.61 -15.16
C HIS A 39 0.11 -16.53 -14.31
N PHE A 40 0.81 -16.06 -13.29
CA PHE A 40 0.27 -14.96 -12.50
C PHE A 40 1.37 -14.01 -12.05
N HIS A 41 1.20 -12.72 -12.32
CA HIS A 41 2.10 -11.68 -11.83
C HIS A 41 1.27 -10.62 -11.12
N PHE A 42 1.36 -10.61 -9.79
CA PHE A 42 0.60 -9.71 -8.92
C PHE A 42 0.78 -8.25 -9.33
N GLY A 43 -0.33 -7.55 -9.56
CA GLY A 43 -0.26 -6.17 -10.00
C GLY A 43 -0.28 -6.04 -11.51
N GLN A 44 -0.07 -7.15 -12.21
CA GLN A 44 -0.14 -7.15 -13.67
C GLN A 44 -1.27 -8.04 -14.19
N THR A 45 -1.17 -9.34 -13.96
CA THR A 45 -2.21 -10.27 -14.45
C THR A 45 -3.61 -9.85 -14.02
N ASN A 46 -3.79 -9.47 -12.75
CA ASN A 46 -5.13 -9.12 -12.26
C ASN A 46 -5.61 -7.75 -12.74
N ARG A 47 -4.81 -7.07 -13.56
CA ARG A 47 -5.23 -5.81 -14.14
C ARG A 47 -5.50 -5.92 -15.65
N THR A 48 -5.21 -7.07 -16.23
CA THR A 48 -5.42 -7.26 -17.68
C THR A 48 -6.88 -7.45 -18.07
N PRO A 49 -7.24 -7.05 -19.30
CA PRO A 49 -8.64 -7.19 -19.75
C PRO A 49 -9.14 -8.64 -19.70
N GLU A 50 -8.30 -9.59 -20.06
CA GLU A 50 -8.66 -11.00 -20.04
C GLU A 50 -9.06 -11.42 -18.62
N PHE A 51 -8.22 -11.07 -17.64
CA PHE A 51 -8.52 -11.36 -16.24
C PHE A 51 -9.81 -10.69 -15.81
N LEU A 52 -9.95 -9.41 -16.14
CA LEU A 52 -11.07 -8.60 -15.68
C LEU A 52 -12.38 -9.08 -16.29
N ARG A 53 -12.29 -9.71 -17.47
CA ARG A 53 -13.45 -10.27 -18.14
C ARG A 53 -14.13 -11.31 -17.23
N LYS A 54 -13.32 -12.13 -16.59
CA LYS A 54 -13.82 -13.24 -15.79
C LYS A 54 -13.96 -12.85 -14.33
N PHE A 55 -13.09 -11.95 -13.90
CA PHE A 55 -12.99 -11.55 -12.51
C PHE A 55 -13.05 -10.04 -12.39
N PRO A 56 -14.25 -9.44 -12.54
CA PRO A 56 -14.36 -7.99 -12.74
C PRO A 56 -13.78 -7.15 -11.60
N ALA A 57 -13.75 -7.68 -10.39
CA ALA A 57 -13.26 -6.93 -9.24
C ALA A 57 -11.76 -6.68 -9.31
N GLY A 58 -11.05 -7.46 -10.11
CA GLY A 58 -9.61 -7.32 -10.22
C GLY A 58 -8.87 -7.81 -8.99
N LYS A 59 -9.51 -8.66 -8.19
CA LYS A 59 -8.89 -9.14 -6.97
C LYS A 59 -8.48 -10.61 -7.05
N VAL A 60 -7.50 -10.97 -6.21
CA VAL A 60 -7.17 -12.35 -5.99
C VAL A 60 -7.32 -12.67 -4.49
N PRO A 61 -7.66 -13.92 -4.16
CA PRO A 61 -7.79 -15.08 -5.05
C PRO A 61 -8.96 -14.96 -6.05
N ALA A 62 -8.75 -15.53 -7.22
CA ALA A 62 -9.79 -15.67 -8.22
C ALA A 62 -9.81 -17.13 -8.68
N PHE A 63 -11.01 -17.69 -8.83
CA PHE A 63 -11.18 -19.11 -9.10
C PHE A 63 -11.92 -19.33 -10.40
N GLU A 64 -11.34 -20.12 -11.29
CA GLU A 64 -12.05 -20.58 -12.49
C GLU A 64 -12.15 -22.11 -12.49
N GLY A 65 -13.38 -22.62 -12.46
CA GLY A 65 -13.60 -24.05 -12.43
C GLY A 65 -13.20 -24.65 -13.76
N ASP A 66 -12.91 -25.95 -13.77
CA ASP A 66 -12.61 -26.67 -15.01
C ASP A 66 -13.74 -26.56 -16.02
N ASP A 67 -14.97 -26.36 -15.52
CA ASP A 67 -16.13 -26.22 -16.39
C ASP A 67 -16.40 -24.76 -16.82
N GLY A 68 -15.52 -23.85 -16.41
CA GLY A 68 -15.67 -22.45 -16.79
C GLY A 68 -16.34 -21.57 -15.75
N PHE A 69 -16.77 -22.14 -14.63
CA PHE A 69 -17.42 -21.36 -13.59
C PHE A 69 -16.43 -20.44 -12.87
N CYS A 70 -16.72 -19.14 -12.85
CA CYS A 70 -15.82 -18.15 -12.25
C CYS A 70 -16.37 -17.56 -10.95
N VAL A 71 -15.50 -17.40 -9.95
CA VAL A 71 -15.85 -16.83 -8.65
C VAL A 71 -14.73 -15.90 -8.23
N PHE A 72 -15.05 -14.67 -7.83
CA PHE A 72 -13.98 -13.66 -7.71
C PHE A 72 -13.78 -13.02 -6.35
N GLU A 73 -14.38 -13.57 -5.30
CA GLU A 73 -14.17 -13.05 -3.96
C GLU A 73 -13.82 -14.20 -2.99
N SER A 74 -12.92 -13.95 -2.03
CA SER A 74 -12.34 -15.07 -1.26
C SER A 74 -13.33 -15.87 -0.38
N ASN A 75 -14.29 -15.21 0.28
CA ASN A 75 -15.30 -15.97 1.03
C ASN A 75 -16.10 -16.93 0.13
N ALA A 76 -16.41 -16.47 -1.07
CA ALA A 76 -17.20 -17.24 -2.03
C ALA A 76 -16.39 -18.42 -2.58
N ILE A 77 -15.11 -18.20 -2.83
CA ILE A 77 -14.26 -19.27 -3.32
C ILE A 77 -14.11 -20.36 -2.27
N ALA A 78 -13.88 -19.95 -1.02
CA ALA A 78 -13.78 -20.91 0.08
C ALA A 78 -15.12 -21.65 0.27
N TYR A 79 -16.24 -20.93 0.15
CA TYR A 79 -17.55 -21.58 0.20
C TYR A 79 -17.70 -22.63 -0.91
N TYR A 80 -17.32 -22.26 -2.14
CA TYR A 80 -17.53 -23.12 -3.29
C TYR A 80 -16.69 -24.40 -3.24
N VAL A 81 -15.45 -24.30 -2.76
CA VAL A 81 -14.59 -25.46 -2.70
C VAL A 81 -14.79 -26.27 -1.43
N SER A 82 -15.72 -25.81 -0.58
CA SER A 82 -16.01 -26.50 0.69
C SER A 82 -16.97 -27.65 0.49
N ASN A 83 -17.24 -28.39 1.54
CA ASN A 83 -18.34 -29.35 1.50
C ASN A 83 -19.47 -28.90 2.42
N GLU A 84 -20.51 -29.71 2.52
CA GLU A 84 -21.68 -29.33 3.30
C GLU A 84 -21.38 -29.13 4.78
N GLU A 85 -20.49 -29.94 5.36
CA GLU A 85 -20.17 -29.76 6.78
C GLU A 85 -19.43 -28.45 7.03
N LEU A 86 -18.45 -28.11 6.20
CA LEU A 86 -17.72 -26.83 6.35
C LEU A 86 -18.62 -25.60 6.17
N ARG A 87 -19.60 -25.71 5.28
CA ARG A 87 -20.53 -24.61 5.03
C ARG A 87 -21.53 -24.43 6.17
N GLY A 88 -21.83 -25.53 6.86
CA GLY A 88 -22.91 -25.54 7.84
C GLY A 88 -24.04 -26.43 7.37
N SER A 89 -24.19 -27.58 8.04
CA SER A 89 -25.15 -28.64 7.73
C SER A 89 -26.60 -28.24 7.79
N THR A 90 -26.91 -27.39 8.76
CA THR A 90 -28.26 -26.93 8.99
C THR A 90 -28.30 -25.41 8.79
N PRO A 91 -29.50 -24.84 8.65
CA PRO A 91 -29.59 -23.38 8.57
C PRO A 91 -29.03 -22.71 9.81
N GLU A 92 -29.19 -23.33 10.98
CA GLU A 92 -28.62 -22.75 12.19
C GLU A 92 -27.10 -22.66 12.11
N ALA A 93 -26.49 -23.75 11.67
CA ALA A 93 -25.03 -23.82 11.58
C ALA A 93 -24.54 -22.93 10.44
N ALA A 94 -25.23 -22.98 9.29
CA ALA A 94 -24.87 -22.14 8.16
C ALA A 94 -24.91 -20.66 8.55
N ALA A 95 -25.92 -20.28 9.31
CA ALA A 95 -26.04 -18.92 9.82
C ALA A 95 -24.85 -18.54 10.69
N GLN A 96 -24.42 -19.45 11.54
CA GLN A 96 -23.31 -19.16 12.45
C GLN A 96 -22.01 -19.03 11.69
N VAL A 97 -21.85 -19.83 10.64
CA VAL A 97 -20.70 -19.68 9.77
C VAL A 97 -20.67 -18.27 9.13
N VAL A 98 -21.81 -17.82 8.60
CA VAL A 98 -21.85 -16.48 8.01
C VAL A 98 -21.50 -15.42 9.05
N GLN A 99 -22.00 -15.62 10.26
CA GLN A 99 -21.75 -14.71 11.38
C GLN A 99 -20.27 -14.51 11.64
N TRP A 100 -19.56 -15.62 11.77
CA TRP A 100 -18.15 -15.56 12.09
C TRP A 100 -17.32 -15.10 10.89
N VAL A 101 -17.72 -15.50 9.69
CA VAL A 101 -17.01 -15.05 8.50
C VAL A 101 -17.16 -13.53 8.39
N SER A 102 -18.38 -13.06 8.62
CA SER A 102 -18.68 -11.64 8.58
CA SER A 102 -18.65 -11.63 8.56
C SER A 102 -17.95 -10.89 9.70
N PHE A 103 -17.92 -11.50 10.88
CA PHE A 103 -17.23 -10.91 12.02
C PHE A 103 -15.74 -10.71 11.73
N ALA A 104 -15.11 -11.71 11.14
CA ALA A 104 -13.69 -11.63 10.77
C ALA A 104 -13.45 -10.48 9.78
N ASP A 105 -14.27 -10.40 8.73
CA ASP A 105 -14.10 -9.35 7.73
C ASP A 105 -14.31 -7.94 8.29
N SER A 106 -15.33 -7.73 9.12
CA SER A 106 -15.64 -6.36 9.50
C SER A 106 -14.94 -5.92 10.79
N ASP A 107 -14.63 -6.86 11.67
CA ASP A 107 -14.11 -6.50 12.98
C ASP A 107 -12.62 -6.81 13.11
N ILE A 108 -12.18 -7.93 12.56
CA ILE A 108 -10.78 -8.34 12.76
C ILE A 108 -9.81 -7.71 11.75
N VAL A 109 -10.14 -7.80 10.46
CA VAL A 109 -9.21 -7.40 9.41
C VAL A 109 -8.69 -5.95 9.55
N PRO A 110 -9.57 -4.96 9.84
CA PRO A 110 -9.01 -3.59 9.89
C PRO A 110 -8.02 -3.33 11.06
N PRO A 111 -8.37 -3.62 12.32
CA PRO A 111 -7.31 -3.41 13.33
C PRO A 111 -6.10 -4.33 13.12
N ALA A 112 -6.33 -5.58 12.70
CA ALA A 112 -5.22 -6.49 12.46
C ALA A 112 -4.25 -5.87 11.47
N SER A 113 -4.81 -5.35 10.39
CA SER A 113 -4.03 -4.71 9.33
C SER A 113 -3.31 -3.50 9.86
N THR A 114 -4.02 -2.67 10.62
CA THR A 114 -3.43 -1.45 11.17
C THR A 114 -2.19 -1.77 12.01
N TRP A 115 -2.29 -2.80 12.84
CA TRP A 115 -1.21 -3.18 13.73
C TRP A 115 -0.08 -3.90 12.98
N VAL A 116 -0.43 -4.86 12.15
CA VAL A 116 0.57 -5.74 11.55
C VAL A 116 1.30 -5.16 10.31
N PHE A 117 0.62 -4.38 9.46
CA PHE A 117 1.25 -3.92 8.20
C PHE A 117 2.55 -3.12 8.43
N PRO A 118 2.60 -2.21 9.42
CA PRO A 118 3.89 -1.56 9.69
C PRO A 118 5.00 -2.52 10.10
N THR A 119 4.66 -3.57 10.84
CA THR A 119 5.71 -4.48 11.31
C THR A 119 6.27 -5.26 10.13
N LEU A 120 5.56 -5.24 9.01
CA LEU A 120 5.97 -5.95 7.80
C LEU A 120 6.59 -5.03 6.77
N GLY A 121 6.71 -3.75 7.13
CA GLY A 121 7.31 -2.76 6.26
C GLY A 121 6.41 -2.29 5.13
N ILE A 122 5.10 -2.50 5.26
CA ILE A 122 4.14 -2.14 4.21
C ILE A 122 3.69 -0.67 4.28
N MET A 123 3.62 -0.12 5.49
CA MET A 123 3.20 1.26 5.64
C MET A 123 3.48 1.73 7.05
N HIS A 124 3.15 2.97 7.39
CA HIS A 124 3.20 3.38 8.79
C HIS A 124 1.85 3.84 9.35
N HIS A 125 1.61 3.57 10.63
CA HIS A 125 0.45 4.14 11.33
C HIS A 125 0.87 4.85 12.60
N ASN A 126 0.14 5.90 12.99
CA ASN A 126 0.55 6.64 14.18
C ASN A 126 0.27 5.83 15.44
N LYS A 127 0.79 6.31 16.57
CA LYS A 127 0.70 5.51 17.78
C LYS A 127 -0.72 5.60 18.35
N GLN A 128 -1.53 6.50 17.81
CA GLN A 128 -2.96 6.52 18.12
C GLN A 128 -3.71 5.40 17.42
N ALA A 129 -3.51 5.28 16.11
CA ALA A 129 -4.21 4.27 15.32
C ALA A 129 -3.75 2.90 15.77
N THR A 130 -2.47 2.81 16.09
CA THR A 130 -1.89 1.55 16.54
C THR A 130 -2.44 1.17 17.90
N GLU A 131 -2.58 2.15 18.78
CA GLU A 131 -3.11 1.88 20.10
C GLU A 131 -4.59 1.52 20.03
N ASN A 132 -5.34 2.21 19.18
CA ASN A 132 -6.75 1.87 19.02
C ASN A 132 -6.86 0.45 18.49
N ALA A 133 -6.00 0.11 17.55
CA ALA A 133 -5.97 -1.24 16.99
C ALA A 133 -5.67 -2.30 18.05
N LYS A 134 -4.68 -2.06 18.90
CA LYS A 134 -4.34 -3.02 19.94
C LYS A 134 -5.53 -3.27 20.84
N GLU A 135 -6.26 -2.19 21.14
CA GLU A 135 -7.41 -2.29 22.03
C GLU A 135 -8.56 -3.06 21.36
N GLU A 136 -8.79 -2.80 20.08
CA GLU A 136 -9.81 -3.52 19.35
C GLU A 136 -9.48 -5.01 19.32
N VAL A 137 -8.21 -5.34 19.12
CA VAL A 137 -7.81 -6.73 19.09
C VAL A 137 -8.00 -7.40 20.48
N ARG A 138 -7.69 -6.70 21.56
CA ARG A 138 -7.98 -7.29 22.88
C ARG A 138 -9.48 -7.57 23.03
N ARG A 139 -10.31 -6.67 22.49
CA ARG A 139 -11.75 -6.85 22.57
C ARG A 139 -12.15 -8.10 21.79
N ILE A 140 -11.60 -8.25 20.58
CA ILE A 140 -11.88 -9.40 19.74
C ILE A 140 -11.41 -10.71 20.38
N LEU A 141 -10.17 -10.74 20.89
CA LEU A 141 -9.67 -11.96 21.52
C LEU A 141 -10.46 -12.29 22.79
N GLY A 142 -10.91 -11.29 23.53
CA GLY A 142 -11.74 -11.55 24.70
C GLY A 142 -13.12 -12.09 24.38
N LEU A 143 -13.72 -11.54 23.32
CA LEU A 143 -15.00 -12.05 22.84
C LEU A 143 -14.86 -13.52 22.45
N LEU A 144 -13.86 -13.82 21.64
CA LEU A 144 -13.54 -15.21 21.28
C LEU A 144 -13.25 -16.07 22.51
N ASP A 145 -12.57 -15.48 23.50
CA ASP A 145 -12.19 -16.26 24.67
C ASP A 145 -13.42 -16.70 25.45
N ALA A 146 -14.34 -15.77 25.70
CA ALA A 146 -15.59 -16.12 26.38
C ALA A 146 -16.36 -17.14 25.56
N TYR A 147 -16.42 -16.93 24.25
CA TYR A 147 -17.18 -17.82 23.38
C TYR A 147 -16.66 -19.24 23.40
N LEU A 148 -15.33 -19.38 23.44
CA LEU A 148 -14.71 -20.71 23.32
C LEU A 148 -14.48 -21.40 24.67
N LYS A 149 -15.01 -20.82 25.76
CA LYS A 149 -14.76 -21.39 27.07
C LYS A 149 -15.16 -22.86 27.14
N THR A 150 -16.37 -23.19 26.67
CA THR A 150 -16.77 -24.59 26.62
C THR A 150 -17.09 -25.02 25.18
N ARG A 151 -16.22 -24.62 24.25
CA ARG A 151 -16.29 -25.07 22.87
C ARG A 151 -14.92 -25.49 22.37
N THR A 152 -14.88 -26.55 21.56
CA THR A 152 -13.66 -26.93 20.86
C THR A 152 -13.45 -26.05 19.62
N PHE A 153 -14.53 -25.88 18.84
CA PHE A 153 -14.53 -25.07 17.62
C PHE A 153 -15.71 -24.11 17.65
N LEU A 154 -15.75 -23.17 16.71
CA LEU A 154 -16.78 -22.12 16.75
C LEU A 154 -18.19 -22.64 16.50
N VAL A 155 -18.34 -23.62 15.61
CA VAL A 155 -19.69 -24.04 15.23
C VAL A 155 -19.85 -25.57 15.22
N GLY A 156 -20.78 -26.08 16.04
CA GLY A 156 -21.14 -27.49 15.97
C GLY A 156 -20.04 -28.50 16.27
N GLU A 157 -19.04 -28.10 17.05
CA GLU A 157 -18.00 -29.03 17.53
C GLU A 157 -17.21 -29.74 16.42
N ARG A 158 -16.94 -29.02 15.36
CA ARG A 158 -16.16 -29.51 14.24
C ARG A 158 -15.63 -28.32 13.47
N VAL A 159 -14.53 -28.49 12.76
CA VAL A 159 -14.02 -27.40 11.93
C VAL A 159 -15.04 -27.03 10.86
N THR A 160 -15.38 -25.74 10.79
CA THR A 160 -16.15 -25.18 9.67
C THR A 160 -15.40 -24.02 9.03
N LEU A 161 -16.00 -23.40 8.02
CA LEU A 161 -15.49 -22.15 7.45
C LEU A 161 -15.32 -21.07 8.51
N ALA A 162 -16.09 -21.16 9.59
CA ALA A 162 -15.94 -20.19 10.69
C ALA A 162 -14.51 -20.22 11.24
N ASP A 163 -14.05 -21.39 11.68
CA ASP A 163 -12.69 -21.51 12.20
C ASP A 163 -11.62 -21.17 11.17
N ILE A 164 -11.77 -21.72 9.98
CA ILE A 164 -10.79 -21.50 8.92
C ILE A 164 -10.65 -20.01 8.64
N THR A 165 -11.78 -19.32 8.53
CA THR A 165 -11.73 -17.89 8.18
C THR A 165 -11.17 -17.06 9.34
N VAL A 166 -11.66 -17.29 10.55
CA VAL A 166 -11.17 -16.51 11.68
C VAL A 166 -9.68 -16.78 11.94
N VAL A 167 -9.28 -18.05 11.86
CA VAL A 167 -7.86 -18.37 12.04
C VAL A 167 -6.99 -17.66 10.97
N CYS A 168 -7.43 -17.69 9.72
CA CYS A 168 -6.64 -17.04 8.68
C CYS A 168 -6.54 -15.52 8.87
N THR A 169 -7.62 -14.89 9.35
CA THR A 169 -7.54 -13.45 9.64
C THR A 169 -6.69 -13.13 10.89
N LEU A 170 -6.48 -14.09 11.79
CA LEU A 170 -5.66 -13.82 12.98
C LEU A 170 -4.20 -14.23 12.81
N LEU A 171 -3.89 -14.88 11.70
CA LEU A 171 -2.60 -15.53 11.53
C LEU A 171 -1.39 -14.59 11.63
N TRP A 172 -1.39 -13.48 10.89
CA TRP A 172 -0.30 -12.51 11.00
C TRP A 172 -0.17 -11.89 12.40
N LEU A 173 -1.28 -11.56 13.05
CA LEU A 173 -1.25 -11.07 14.43
C LEU A 173 -0.50 -12.04 15.35
N TYR A 174 -0.82 -13.34 15.27
CA TYR A 174 -0.21 -14.30 16.17
C TYR A 174 1.27 -14.51 15.87
N LYS A 175 1.66 -14.33 14.61
CA LYS A 175 3.06 -14.47 14.22
C LYS A 175 3.89 -13.25 14.55
N GLN A 176 3.28 -12.07 14.43
CA GLN A 176 4.03 -10.83 14.44
C GLN A 176 4.04 -10.05 15.76
N VAL A 177 2.90 -9.99 16.44
CA VAL A 177 2.74 -9.05 17.57
C VAL A 177 2.09 -9.58 18.85
N LEU A 178 1.41 -10.72 18.77
CA LEU A 178 0.72 -11.22 19.96
C LEU A 178 1.70 -11.99 20.89
N GLU A 179 2.63 -11.24 21.50
CA GLU A 179 3.66 -11.82 22.37
C GLU A 179 2.99 -12.44 23.61
N PRO A 180 3.70 -13.35 24.32
CA PRO A 180 3.07 -14.02 25.48
C PRO A 180 2.40 -13.09 26.49
N SER A 181 3.03 -11.96 26.81
CA SER A 181 2.45 -11.04 27.78
C SER A 181 1.16 -10.38 27.29
N PHE A 182 1.04 -10.18 25.97
CA PHE A 182 -0.19 -9.60 25.42
C PHE A 182 -1.31 -10.63 25.31
N ARG A 183 -0.97 -11.86 24.93
CA ARG A 183 -2.00 -12.86 24.64
C ARG A 183 -2.38 -13.69 25.86
N GLN A 184 -1.63 -13.49 26.95
CA GLN A 184 -1.84 -14.24 28.20
C GLN A 184 -3.29 -14.22 28.68
N ALA A 185 -3.95 -13.08 28.54
CA ALA A 185 -5.31 -12.91 29.05
C ALA A 185 -6.38 -13.73 28.32
N PHE A 186 -6.00 -14.41 27.24
CA PHE A 186 -6.99 -15.11 26.43
C PHE A 186 -6.62 -16.57 26.21
N PRO A 187 -6.61 -17.37 27.31
CA PRO A 187 -6.15 -18.75 27.13
C PRO A 187 -7.06 -19.60 26.23
N ASN A 188 -8.36 -19.35 26.23
CA ASN A 188 -9.24 -20.19 25.41
C ASN A 188 -9.05 -19.88 23.91
N THR A 189 -8.84 -18.61 23.60
CA THR A 189 -8.58 -18.24 22.20
C THR A 189 -7.23 -18.82 21.74
N ASN A 190 -6.19 -18.70 22.57
CA ASN A 190 -4.88 -19.23 22.23
C ASN A 190 -4.96 -20.71 22.00
N ARG A 191 -5.66 -21.41 22.90
CA ARG A 191 -5.82 -22.86 22.78
C ARG A 191 -6.55 -23.24 21.49
N TRP A 192 -7.65 -22.58 21.20
CA TRP A 192 -8.40 -22.85 19.96
C TRP A 192 -7.55 -22.57 18.71
N PHE A 193 -6.80 -21.47 18.72
CA PHE A 193 -5.92 -21.12 17.58
C PHE A 193 -4.87 -22.21 17.34
N LEU A 194 -4.13 -22.56 18.39
CA LEU A 194 -3.16 -23.63 18.33
C LEU A 194 -3.80 -24.94 17.90
N THR A 195 -5.00 -25.20 18.40
CA THR A 195 -5.71 -26.41 18.03
C THR A 195 -5.94 -26.48 16.53
N CYS A 196 -6.50 -25.41 15.97
CA CYS A 196 -6.82 -25.34 14.54
C CYS A 196 -5.58 -25.46 13.65
N ILE A 197 -4.56 -24.66 13.92
CA ILE A 197 -3.45 -24.58 12.96
C ILE A 197 -2.62 -25.85 12.94
N ASN A 198 -2.77 -26.67 13.96
CA ASN A 198 -2.14 -27.99 14.00
C ASN A 198 -3.03 -29.11 13.48
N GLN A 199 -4.24 -28.77 13.04
CA GLN A 199 -5.01 -29.75 12.28
C GLN A 199 -4.21 -30.09 11.04
N PRO A 200 -4.12 -31.38 10.68
CA PRO A 200 -3.47 -31.85 9.45
C PRO A 200 -3.87 -31.03 8.21
N GLN A 201 -5.13 -30.66 8.11
CA GLN A 201 -5.60 -29.89 6.95
C GLN A 201 -5.06 -28.46 6.96
N PHE A 202 -4.91 -27.86 8.14
CA PHE A 202 -4.33 -26.52 8.25
C PHE A 202 -2.83 -26.56 8.00
N ARG A 203 -2.17 -27.52 8.63
CA ARG A 203 -0.72 -27.65 8.53
C ARG A 203 -0.28 -27.87 7.09
N ALA A 204 -1.10 -28.61 6.33
CA ALA A 204 -0.82 -28.88 4.93
C ALA A 204 -0.72 -27.59 4.11
N VAL A 205 -1.40 -26.54 4.56
CA VAL A 205 -1.38 -25.27 3.85
C VAL A 205 -0.48 -24.23 4.53
N LEU A 206 -0.54 -24.17 5.85
CA LEU A 206 0.16 -23.12 6.58
C LEU A 206 1.61 -23.50 6.91
N GLY A 207 1.90 -24.80 6.88
CA GLY A 207 3.18 -25.28 7.37
C GLY A 207 3.27 -25.08 8.87
N GLU A 208 4.48 -25.02 9.39
CA GLU A 208 4.70 -24.80 10.80
C GLU A 208 4.55 -23.33 11.13
N VAL A 209 3.77 -23.02 12.15
CA VAL A 209 3.60 -21.63 12.57
C VAL A 209 4.26 -21.36 13.92
N LYS A 210 5.08 -20.31 13.97
CA LYS A 210 5.73 -19.90 15.21
C LYS A 210 5.02 -18.69 15.81
N LEU A 211 4.54 -18.84 17.04
CA LEU A 211 3.87 -17.73 17.72
C LEU A 211 4.88 -16.66 18.11
N CYS A 212 4.47 -15.41 18.00
CA CYS A 212 5.28 -14.26 18.38
C CYS A 212 5.92 -14.47 19.74
N GLU A 213 7.23 -14.32 19.81
CA GLU A 213 7.93 -14.46 21.08
C GLU A 213 8.09 -13.08 21.71
N LYS A 214 8.18 -12.07 20.87
CA LYS A 214 8.30 -10.68 21.32
C LYS A 214 7.79 -9.72 20.24
N MET A 215 7.00 -8.74 20.67
CA MET A 215 6.24 -7.89 19.75
C MET A 215 7.11 -7.17 18.73
N ALA A 216 6.77 -7.34 17.46
CA ALA A 216 7.46 -6.61 16.40
C ALA A 216 7.07 -5.14 16.47
N GLN A 217 8.04 -4.26 16.23
CA GLN A 217 7.82 -2.82 16.34
C GLN A 217 8.48 -2.08 15.18
N ALA B 2 -39.09 -24.85 7.29
CA ALA B 2 -39.66 -24.14 8.43
C ALA B 2 -38.96 -22.79 8.61
N MET B 3 -39.73 -21.72 8.59
CA MET B 3 -39.14 -20.38 8.55
C MET B 3 -38.95 -19.78 9.94
N ALA B 4 -37.87 -19.01 10.08
CA ALA B 4 -37.51 -18.40 11.36
C ALA B 4 -38.64 -17.55 11.90
N ALA B 5 -38.73 -17.48 13.22
CA ALA B 5 -39.60 -16.54 13.90
C ALA B 5 -38.84 -15.94 15.06
N GLY B 6 -38.91 -14.62 15.22
CA GLY B 6 -38.15 -14.02 16.29
C GLY B 6 -38.18 -12.51 16.36
N THR B 7 -37.29 -11.98 17.19
CA THR B 7 -37.22 -10.55 17.44
C THR B 7 -35.92 -9.99 16.87
N LEU B 8 -36.02 -8.82 16.26
CA LEU B 8 -34.89 -8.09 15.70
C LEU B 8 -34.70 -6.79 16.47
N TYR B 9 -33.58 -6.65 17.17
CA TYR B 9 -33.24 -5.41 17.85
C TYR B 9 -32.39 -4.52 16.94
N THR B 10 -32.81 -3.28 16.81
CA THR B 10 -32.10 -2.32 15.98
C THR B 10 -32.64 -0.93 16.26
N TYR B 11 -31.86 0.11 15.96
CA TYR B 11 -32.44 1.44 15.91
C TYR B 11 -33.22 1.53 14.60
N PRO B 12 -34.13 2.51 14.49
CA PRO B 12 -34.95 2.52 13.28
C PRO B 12 -34.22 3.05 12.04
N GLU B 13 -34.77 2.72 10.87
CA GLU B 13 -34.20 3.13 9.59
C GLU B 13 -32.75 2.64 9.41
N ASN B 14 -32.49 1.39 9.79
CA ASN B 14 -31.16 0.80 9.68
C ASN B 14 -31.07 -0.07 8.45
N TRP B 15 -30.33 0.37 7.43
CA TRP B 15 -30.18 -0.41 6.20
C TRP B 15 -29.71 -1.84 6.47
N ARG B 16 -28.87 -2.01 7.49
CA ARG B 16 -28.44 -3.34 7.89
C ARG B 16 -29.62 -4.19 8.35
N ALA B 17 -30.57 -3.59 9.03
CA ALA B 17 -31.76 -4.34 9.42
C ALA B 17 -32.69 -4.57 8.20
N PHE B 18 -32.73 -3.62 7.27
CA PHE B 18 -33.60 -3.75 6.10
C PHE B 18 -33.29 -5.05 5.33
N LYS B 19 -32.02 -5.45 5.31
CA LYS B 19 -31.63 -6.67 4.60
C LYS B 19 -32.41 -7.89 5.10
N ALA B 20 -32.48 -8.02 6.41
CA ALA B 20 -33.21 -9.13 7.02
C ALA B 20 -34.72 -8.99 6.83
N LEU B 21 -35.21 -7.77 6.96
CA LEU B 21 -36.65 -7.56 6.88
C LEU B 21 -37.15 -7.82 5.47
N ILE B 22 -36.34 -7.48 4.47
CA ILE B 22 -36.73 -7.71 3.07
C ILE B 22 -36.65 -9.21 2.75
N ALA B 23 -35.60 -9.85 3.25
CA ALA B 23 -35.48 -11.28 3.09
C ALA B 23 -36.72 -11.99 3.68
N ALA B 24 -37.22 -11.47 4.79
CA ALA B 24 -38.33 -12.09 5.49
C ALA B 24 -39.64 -11.93 4.70
N GLN B 25 -39.78 -10.81 3.99
CA GLN B 25 -40.90 -10.65 3.08
C GLN B 25 -40.94 -11.79 2.07
N TYR B 26 -39.78 -12.16 1.53
CA TYR B 26 -39.74 -13.23 0.54
C TYR B 26 -40.02 -14.58 1.16
N SER B 27 -39.36 -14.86 2.28
CA SER B 27 -39.38 -16.19 2.89
C SER B 27 -40.60 -16.48 3.73
N GLY B 28 -41.22 -15.44 4.27
CA GLY B 28 -42.35 -15.63 5.15
C GLY B 28 -41.98 -15.70 6.62
N ALA B 29 -40.70 -15.53 6.94
CA ALA B 29 -40.29 -15.50 8.35
C ALA B 29 -41.03 -14.38 9.07
N GLN B 30 -41.42 -14.64 10.31
CA GLN B 30 -42.09 -13.64 11.12
C GLN B 30 -41.09 -12.95 11.99
N VAL B 31 -40.63 -11.80 11.54
CA VAL B 31 -39.62 -11.06 12.27
C VAL B 31 -40.25 -9.81 12.81
N ARG B 32 -40.25 -9.66 14.13
CA ARG B 32 -40.80 -8.45 14.72
C ARG B 32 -39.67 -7.56 15.18
N VAL B 33 -39.82 -6.28 14.92
CA VAL B 33 -38.77 -5.33 15.24
C VAL B 33 -39.02 -4.67 16.59
N LEU B 34 -37.98 -4.60 17.41
CA LEU B 34 -38.02 -3.78 18.61
C LEU B 34 -36.97 -2.73 18.45
N SER B 35 -37.38 -1.47 18.48
CA SER B 35 -36.50 -0.41 18.01
C SER B 35 -36.72 0.90 18.73
N ALA B 36 -37.62 0.90 19.71
CA ALA B 36 -38.00 2.11 20.42
C ALA B 36 -38.27 1.83 21.89
N PRO B 37 -38.02 2.83 22.76
CA PRO B 37 -38.31 2.64 24.18
C PRO B 37 -39.82 2.46 24.40
N PRO B 38 -40.21 1.72 25.45
CA PRO B 38 -39.37 1.14 26.49
C PRO B 38 -38.65 -0.14 26.06
N HIS B 39 -39.16 -0.78 25.01
CA HIS B 39 -38.67 -2.07 24.58
C HIS B 39 -37.20 -2.08 24.18
N PHE B 40 -36.80 -1.16 23.32
CA PHE B 40 -35.40 -1.07 22.92
C PHE B 40 -34.89 0.37 22.89
N HIS B 41 -33.92 0.68 23.73
CA HIS B 41 -33.33 2.01 23.79
C HIS B 41 -31.86 1.91 23.36
N PHE B 42 -31.58 2.23 22.10
CA PHE B 42 -30.24 2.04 21.55
C PHE B 42 -29.20 2.83 22.34
N GLY B 43 -28.14 2.16 22.76
CA GLY B 43 -27.13 2.77 23.60
C GLY B 43 -27.29 2.39 25.07
N GLN B 44 -28.42 1.79 25.41
CA GLN B 44 -28.70 1.39 26.78
C GLN B 44 -29.09 -0.07 26.86
N THR B 45 -30.19 -0.42 26.20
CA THR B 45 -30.67 -1.80 26.17
C THR B 45 -29.58 -2.77 25.70
N ASN B 46 -28.84 -2.37 24.67
CA ASN B 46 -27.84 -3.26 24.09
C ASN B 46 -26.54 -3.34 24.89
N ARG B 47 -26.46 -2.57 25.97
CA ARG B 47 -25.29 -2.64 26.85
C ARG B 47 -25.56 -3.31 28.19
N THR B 48 -26.76 -3.85 28.36
CA THR B 48 -27.12 -4.56 29.58
C THR B 48 -26.53 -5.97 29.59
N PRO B 49 -26.29 -6.53 30.78
CA PRO B 49 -25.76 -7.89 30.91
C PRO B 49 -26.64 -8.95 30.24
N GLU B 50 -27.95 -8.75 30.30
CA GLU B 50 -28.92 -9.64 29.66
C GLU B 50 -28.70 -9.69 28.15
N PHE B 51 -28.71 -8.50 27.53
CA PHE B 51 -28.43 -8.39 26.10
C PHE B 51 -27.04 -8.95 25.75
N LEU B 52 -26.02 -8.52 26.48
CA LEU B 52 -24.64 -8.95 26.20
C LEU B 52 -24.46 -10.46 26.36
N ARG B 53 -25.27 -11.08 27.21
CA ARG B 53 -25.30 -12.53 27.33
C ARG B 53 -25.61 -13.19 25.99
N LYS B 54 -26.62 -12.65 25.31
CA LYS B 54 -27.07 -13.17 24.03
C LYS B 54 -26.21 -12.66 22.90
N PHE B 55 -25.83 -11.38 22.99
CA PHE B 55 -25.09 -10.72 21.92
C PHE B 55 -23.84 -10.04 22.46
N PRO B 56 -22.74 -10.80 22.56
CA PRO B 56 -21.48 -10.39 23.21
C PRO B 56 -20.86 -9.09 22.65
N ALA B 57 -20.95 -8.83 21.36
CA ALA B 57 -20.39 -7.59 20.82
C ALA B 57 -21.27 -6.39 21.18
N GLY B 58 -22.47 -6.68 21.67
CA GLY B 58 -23.43 -5.63 22.00
C GLY B 58 -23.84 -4.73 20.83
N LYS B 59 -23.79 -5.23 19.61
CA LYS B 59 -24.18 -4.37 18.49
C LYS B 59 -25.53 -4.76 17.91
N VAL B 60 -26.05 -3.88 17.08
CA VAL B 60 -27.27 -4.14 16.33
C VAL B 60 -26.96 -4.08 14.83
N PRO B 61 -27.76 -4.75 13.98
CA PRO B 61 -28.93 -5.55 14.37
C PRO B 61 -28.59 -6.84 15.13
N ALA B 62 -29.53 -7.27 15.96
CA ALA B 62 -29.37 -8.50 16.73
C ALA B 62 -30.67 -9.29 16.68
N PHE B 63 -30.56 -10.57 16.40
CA PHE B 63 -31.75 -11.40 16.27
C PHE B 63 -31.83 -12.51 17.34
N GLU B 64 -32.95 -12.56 18.06
CA GLU B 64 -33.24 -13.66 18.96
C GLU B 64 -34.49 -14.39 18.51
N GLY B 65 -34.33 -15.62 18.04
CA GLY B 65 -35.45 -16.46 17.67
C GLY B 65 -36.34 -16.80 18.85
N ASP B 66 -37.56 -17.20 18.56
CA ASP B 66 -38.53 -17.55 19.59
C ASP B 66 -38.14 -18.84 20.29
N ASP B 67 -37.24 -19.59 19.68
CA ASP B 67 -36.73 -20.81 20.28
C ASP B 67 -35.40 -20.59 21.01
N GLY B 68 -35.01 -19.33 21.18
CA GLY B 68 -33.82 -19.00 21.96
C GLY B 68 -32.56 -18.79 21.14
N PHE B 69 -32.62 -19.17 19.87
CA PHE B 69 -31.45 -19.13 18.99
C PHE B 69 -31.07 -17.69 18.64
N CYS B 70 -29.83 -17.31 18.94
CA CYS B 70 -29.38 -15.93 18.74
C CYS B 70 -28.34 -15.81 17.62
N VAL B 71 -28.48 -14.77 16.81
CA VAL B 71 -27.55 -14.47 15.72
C VAL B 71 -27.18 -13.01 15.73
N PHE B 72 -25.90 -12.69 15.51
CA PHE B 72 -25.52 -11.31 15.26
C PHE B 72 -24.80 -11.22 13.90
N GLU B 73 -24.45 -9.99 13.50
CA GLU B 73 -23.96 -9.67 12.15
C GLU B 73 -25.15 -9.69 11.19
N SER B 74 -25.37 -8.56 10.52
CA SER B 74 -26.53 -8.41 9.67
C SER B 74 -26.56 -9.44 8.54
N ASN B 75 -25.39 -9.83 8.01
CA ASN B 75 -25.36 -10.83 6.95
C ASN B 75 -25.90 -12.17 7.44
N ALA B 76 -25.56 -12.54 8.67
CA ALA B 76 -25.98 -13.85 9.21
C ALA B 76 -27.47 -13.87 9.54
N ILE B 77 -27.97 -12.76 10.07
CA ILE B 77 -29.38 -12.62 10.37
C ILE B 77 -30.20 -12.72 9.08
N ALA B 78 -29.74 -12.03 8.03
CA ALA B 78 -30.44 -12.05 6.74
C ALA B 78 -30.45 -13.45 6.15
N TYR B 79 -29.29 -14.11 6.21
CA TYR B 79 -29.18 -15.50 5.78
C TYR B 79 -30.20 -16.37 6.53
N TYR B 80 -30.24 -16.23 7.85
CA TYR B 80 -31.05 -17.13 8.68
C TYR B 80 -32.56 -17.00 8.43
N VAL B 81 -33.04 -15.77 8.28
CA VAL B 81 -34.47 -15.56 8.05
C VAL B 81 -34.86 -15.70 6.57
N SER B 82 -33.89 -16.02 5.72
CA SER B 82 -34.15 -16.28 4.30
C SER B 82 -34.69 -17.69 4.03
N ASN B 83 -34.94 -18.00 2.77
CA ASN B 83 -35.24 -19.38 2.37
C ASN B 83 -34.12 -19.88 1.48
N GLU B 84 -34.23 -21.10 0.97
CA GLU B 84 -33.13 -21.64 0.19
C GLU B 84 -32.88 -20.88 -1.12
N GLU B 85 -33.95 -20.39 -1.77
CA GLU B 85 -33.78 -19.66 -3.02
C GLU B 85 -33.03 -18.33 -2.85
N LEU B 86 -33.34 -17.64 -1.77
CA LEU B 86 -32.64 -16.41 -1.45
C LEU B 86 -31.17 -16.69 -1.10
N ARG B 87 -30.89 -17.84 -0.47
CA ARG B 87 -29.52 -18.22 -0.10
C ARG B 87 -28.73 -18.74 -1.31
N GLY B 88 -29.43 -19.21 -2.32
CA GLY B 88 -28.79 -19.79 -3.49
C GLY B 88 -29.02 -21.30 -3.52
N SER B 89 -29.73 -21.76 -4.56
CA SER B 89 -30.28 -23.12 -4.61
C SER B 89 -29.27 -24.19 -4.90
N THR B 90 -28.22 -23.82 -5.61
CA THR B 90 -27.12 -24.71 -5.95
C THR B 90 -25.87 -24.18 -5.28
N PRO B 91 -24.81 -25.00 -5.20
CA PRO B 91 -23.51 -24.48 -4.74
C PRO B 91 -23.01 -23.32 -5.60
N GLU B 92 -23.26 -23.34 -6.90
CA GLU B 92 -22.90 -22.22 -7.76
C GLU B 92 -23.64 -20.94 -7.37
N ALA B 93 -24.95 -21.02 -7.20
CA ALA B 93 -25.74 -19.84 -6.86
C ALA B 93 -25.38 -19.37 -5.45
N ALA B 94 -25.24 -20.33 -4.54
CA ALA B 94 -24.89 -20.00 -3.15
C ALA B 94 -23.57 -19.26 -3.10
N ALA B 95 -22.57 -19.77 -3.82
CA ALA B 95 -21.28 -19.10 -3.90
C ALA B 95 -21.37 -17.70 -4.51
N GLN B 96 -22.19 -17.52 -5.54
CA GLN B 96 -22.35 -16.20 -6.12
C GLN B 96 -23.02 -15.21 -5.18
N VAL B 97 -23.94 -15.70 -4.36
CA VAL B 97 -24.56 -14.85 -3.34
C VAL B 97 -23.51 -14.40 -2.31
N VAL B 98 -22.67 -15.33 -1.87
CA VAL B 98 -21.62 -15.00 -0.90
C VAL B 98 -20.69 -13.95 -1.51
N GLN B 99 -20.36 -14.15 -2.78
CA GLN B 99 -19.54 -13.22 -3.54
C GLN B 99 -20.06 -11.77 -3.51
N TRP B 100 -21.33 -11.58 -3.83
CA TRP B 100 -21.88 -10.22 -3.88
C TRP B 100 -22.08 -9.62 -2.50
N VAL B 101 -22.40 -10.47 -1.52
CA VAL B 101 -22.54 -9.99 -0.14
C VAL B 101 -21.19 -9.49 0.37
N SER B 102 -20.13 -10.22 0.05
CA SER B 102 -18.80 -9.82 0.53
C SER B 102 -18.29 -8.60 -0.22
N PHE B 103 -18.59 -8.53 -1.52
CA PHE B 103 -18.24 -7.37 -2.32
C PHE B 103 -18.90 -6.10 -1.78
N ALA B 104 -20.18 -6.20 -1.42
CA ALA B 104 -20.89 -5.05 -0.86
C ALA B 104 -20.17 -4.53 0.40
N ASP B 105 -19.84 -5.43 1.33
CA ASP B 105 -19.15 -5.03 2.55
C ASP B 105 -17.73 -4.49 2.29
N SER B 106 -16.97 -5.17 1.45
CA SER B 106 -15.58 -4.77 1.27
C SER B 106 -15.43 -3.55 0.37
N ASP B 107 -16.24 -3.48 -0.70
CA ASP B 107 -15.99 -2.44 -1.70
C ASP B 107 -17.03 -1.31 -1.68
N ILE B 108 -18.27 -1.60 -1.33
CA ILE B 108 -19.28 -0.56 -1.43
C ILE B 108 -19.45 0.24 -0.14
N VAL B 109 -19.52 -0.44 0.99
CA VAL B 109 -19.80 0.24 2.26
C VAL B 109 -18.81 1.38 2.58
N PRO B 110 -17.50 1.17 2.39
CA PRO B 110 -16.61 2.27 2.82
C PRO B 110 -16.72 3.55 1.99
N PRO B 111 -16.68 3.49 0.65
CA PRO B 111 -16.88 4.78 -0.03
C PRO B 111 -18.30 5.30 0.11
N ALA B 112 -19.28 4.40 0.23
CA ALA B 112 -20.65 4.85 0.39
C ALA B 112 -20.77 5.63 1.69
N SER B 113 -20.17 5.10 2.75
CA SER B 113 -20.21 5.76 4.05
C SER B 113 -19.49 7.09 3.97
N THR B 114 -18.32 7.09 3.33
CA THR B 114 -17.50 8.27 3.30
C THR B 114 -18.23 9.41 2.63
N TRP B 115 -18.90 9.09 1.53
CA TRP B 115 -19.62 10.10 0.79
C TRP B 115 -20.89 10.53 1.53
N VAL B 116 -21.64 9.58 2.05
CA VAL B 116 -22.97 9.89 2.56
C VAL B 116 -22.98 10.49 3.98
N PHE B 117 -22.11 10.01 4.87
CA PHE B 117 -22.19 10.43 6.28
C PHE B 117 -22.15 11.97 6.49
N PRO B 118 -21.31 12.71 5.72
CA PRO B 118 -21.41 14.16 5.92
C PRO B 118 -22.78 14.74 5.57
N THR B 119 -23.43 14.21 4.54
CA THR B 119 -24.73 14.74 4.13
C THR B 119 -25.81 14.46 5.16
N LEU B 120 -25.54 13.53 6.06
CA LEU B 120 -26.50 13.18 7.10
C LEU B 120 -26.14 13.81 8.44
N GLY B 121 -25.02 14.54 8.49
CA GLY B 121 -24.57 15.14 9.73
C GLY B 121 -23.96 14.14 10.71
N ILE B 122 -23.52 12.99 10.21
CA ILE B 122 -22.87 11.99 11.07
C ILE B 122 -21.38 12.27 11.21
N MET B 123 -20.76 12.76 10.13
CA MET B 123 -19.33 13.09 10.14
C MET B 123 -19.11 14.48 9.58
N HIS B 124 -18.01 15.13 10.01
CA HIS B 124 -17.58 16.37 9.37
C HIS B 124 -17.18 16.09 7.93
N HIS B 125 -17.49 17.03 7.04
CA HIS B 125 -17.21 16.88 5.62
C HIS B 125 -15.76 17.17 5.27
N ASN B 126 -15.11 16.23 4.60
CA ASN B 126 -13.81 16.48 3.99
C ASN B 126 -13.90 16.39 2.47
N LYS B 127 -13.51 17.45 1.78
CA LYS B 127 -13.69 17.52 0.33
C LYS B 127 -12.88 16.46 -0.40
N GLN B 128 -11.64 16.27 0.01
CA GLN B 128 -10.79 15.29 -0.66
C GLN B 128 -11.32 13.85 -0.46
N ALA B 129 -11.76 13.53 0.76
CA ALA B 129 -12.33 12.20 1.02
C ALA B 129 -13.58 11.93 0.17
N THR B 130 -14.45 12.94 0.10
CA THR B 130 -15.67 12.87 -0.71
C THR B 130 -15.37 12.67 -2.18
N GLU B 131 -14.36 13.39 -2.68
CA GLU B 131 -13.96 13.30 -4.07
C GLU B 131 -13.45 11.91 -4.40
N ASN B 132 -12.61 11.37 -3.51
CA ASN B 132 -12.11 10.02 -3.71
C ASN B 132 -13.23 8.98 -3.59
N ALA B 133 -14.15 9.18 -2.65
CA ALA B 133 -15.27 8.26 -2.54
C ALA B 133 -16.17 8.30 -3.80
N LYS B 134 -16.42 9.49 -4.35
CA LYS B 134 -17.22 9.58 -5.60
C LYS B 134 -16.63 8.75 -6.71
N GLU B 135 -15.32 8.85 -6.87
CA GLU B 135 -14.65 8.14 -7.94
C GLU B 135 -14.63 6.63 -7.69
N GLU B 136 -14.62 6.23 -6.43
CA GLU B 136 -14.69 4.82 -6.10
C GLU B 136 -16.11 4.32 -6.36
N VAL B 137 -17.11 5.13 -6.05
CA VAL B 137 -18.49 4.77 -6.35
C VAL B 137 -18.72 4.70 -7.89
N ARG B 138 -18.04 5.57 -8.65
CA ARG B 138 -18.15 5.49 -10.11
C ARG B 138 -17.62 4.15 -10.59
N ARG B 139 -16.51 3.70 -9.99
CA ARG B 139 -15.92 2.44 -10.38
C ARG B 139 -16.87 1.27 -10.08
N ILE B 140 -17.53 1.35 -8.93
CA ILE B 140 -18.43 0.30 -8.49
C ILE B 140 -19.70 0.23 -9.31
N LEU B 141 -20.31 1.38 -9.55
CA LEU B 141 -21.49 1.41 -10.39
C LEU B 141 -21.18 0.89 -11.79
N GLY B 142 -19.97 1.16 -12.28
CA GLY B 142 -19.57 0.70 -13.60
C GLY B 142 -19.34 -0.79 -13.67
N LEU B 143 -18.84 -1.35 -12.58
CA LEU B 143 -18.63 -2.79 -12.49
C LEU B 143 -19.98 -3.50 -12.53
N LEU B 144 -20.91 -3.05 -11.69
CA LEU B 144 -22.27 -3.54 -11.71
C LEU B 144 -22.95 -3.35 -13.06
N ASP B 145 -22.66 -2.23 -13.71
CA ASP B 145 -23.36 -1.92 -14.96
C ASP B 145 -23.00 -2.92 -16.03
N ALA B 146 -21.71 -3.23 -16.13
CA ALA B 146 -21.23 -4.25 -17.05
C ALA B 146 -21.78 -5.62 -16.70
N TYR B 147 -21.84 -5.93 -15.41
CA TYR B 147 -22.30 -7.24 -14.98
C TYR B 147 -23.78 -7.43 -15.26
N LEU B 148 -24.55 -6.36 -15.16
CA LEU B 148 -26.00 -6.48 -15.31
C LEU B 148 -26.46 -6.24 -16.75
N LYS B 149 -25.52 -6.12 -17.67
CA LYS B 149 -25.86 -5.85 -19.07
C LYS B 149 -26.87 -6.86 -19.63
N THR B 150 -26.62 -8.14 -19.43
CA THR B 150 -27.56 -9.17 -19.85
C THR B 150 -28.01 -10.05 -18.68
N ARG B 151 -28.32 -9.40 -17.56
CA ARG B 151 -28.84 -10.08 -16.39
C ARG B 151 -29.97 -9.23 -15.85
N THR B 152 -31.01 -9.88 -15.34
CA THR B 152 -32.10 -9.17 -14.68
C THR B 152 -31.75 -8.91 -13.22
N PHE B 153 -31.15 -9.93 -12.60
CA PHE B 153 -30.74 -9.89 -11.20
C PHE B 153 -29.30 -10.44 -11.13
N LEU B 154 -28.63 -10.29 -10.00
CA LEU B 154 -27.20 -10.62 -9.92
C LEU B 154 -26.97 -12.13 -10.05
N VAL B 155 -27.90 -12.91 -9.50
CA VAL B 155 -27.74 -14.36 -9.43
C VAL B 155 -28.96 -15.15 -9.89
N GLY B 156 -28.76 -16.02 -10.89
CA GLY B 156 -29.76 -17.01 -11.24
C GLY B 156 -31.10 -16.45 -11.69
N GLU B 157 -31.09 -15.23 -12.22
CA GLU B 157 -32.30 -14.60 -12.77
C GLU B 157 -33.49 -14.54 -11.83
N ARG B 158 -33.24 -14.32 -10.54
CA ARG B 158 -34.30 -14.07 -9.57
C ARG B 158 -33.72 -13.31 -8.38
N VAL B 159 -34.55 -12.63 -7.58
CA VAL B 159 -34.02 -11.95 -6.39
C VAL B 159 -33.38 -12.94 -5.40
N THR B 160 -32.16 -12.63 -4.97
CA THR B 160 -31.48 -13.38 -3.90
C THR B 160 -30.93 -12.41 -2.86
N LEU B 161 -30.28 -12.94 -1.82
CA LEU B 161 -29.58 -12.09 -0.87
C LEU B 161 -28.55 -11.20 -1.58
N ALA B 162 -28.03 -11.65 -2.72
CA ALA B 162 -27.14 -10.80 -3.51
C ALA B 162 -27.79 -9.44 -3.82
N ASP B 163 -28.98 -9.45 -4.43
CA ASP B 163 -29.62 -8.19 -4.78
C ASP B 163 -30.02 -7.42 -3.55
N ILE B 164 -30.58 -8.12 -2.57
CA ILE B 164 -31.06 -7.45 -1.39
C ILE B 164 -29.93 -6.72 -0.65
N THR B 165 -28.80 -7.39 -0.51
CA THR B 165 -27.66 -6.80 0.20
C THR B 165 -27.08 -5.62 -0.59
N VAL B 166 -26.80 -5.83 -1.86
CA VAL B 166 -26.17 -4.74 -2.63
C VAL B 166 -27.08 -3.51 -2.69
N VAL B 167 -28.38 -3.74 -2.85
CA VAL B 167 -29.37 -2.66 -2.92
C VAL B 167 -29.40 -1.86 -1.61
N CYS B 168 -29.43 -2.57 -0.48
CA CYS B 168 -29.46 -1.89 0.82
C CYS B 168 -28.18 -1.08 1.07
N THR B 169 -27.04 -1.58 0.61
CA THR B 169 -25.78 -0.84 0.80
C THR B 169 -25.68 0.35 -0.16
N LEU B 170 -26.45 0.32 -1.24
CA LEU B 170 -26.48 1.43 -2.20
C LEU B 170 -27.59 2.44 -1.92
N LEU B 171 -28.48 2.12 -0.99
CA LEU B 171 -29.72 2.88 -0.80
C LEU B 171 -29.51 4.34 -0.40
N TRP B 172 -28.68 4.58 0.60
CA TRP B 172 -28.41 5.96 1.01
C TRP B 172 -27.74 6.78 -0.09
N LEU B 173 -26.85 6.16 -0.87
CA LEU B 173 -26.24 6.85 -2.01
C LEU B 173 -27.30 7.34 -2.98
N TYR B 174 -28.22 6.44 -3.37
CA TYR B 174 -29.25 6.79 -4.35
C TYR B 174 -30.23 7.84 -3.81
N LYS B 175 -30.45 7.85 -2.50
CA LYS B 175 -31.31 8.87 -1.90
C LYS B 175 -30.62 10.21 -1.76
N GLN B 176 -29.36 10.17 -1.33
CA GLN B 176 -28.68 11.38 -0.90
C GLN B 176 -27.85 12.08 -1.97
N VAL B 177 -27.12 11.32 -2.78
CA VAL B 177 -26.07 11.95 -3.59
C VAL B 177 -25.95 11.55 -5.06
N LEU B 178 -26.62 10.47 -5.49
CA LEU B 178 -26.49 10.05 -6.88
C LEU B 178 -27.48 10.79 -7.79
N GLU B 179 -27.15 12.04 -8.13
CA GLU B 179 -28.06 12.84 -8.95
C GLU B 179 -28.09 12.29 -10.38
N PRO B 180 -29.15 12.62 -11.15
CA PRO B 180 -29.33 12.08 -12.51
C PRO B 180 -28.08 12.17 -13.38
N SER B 181 -27.43 13.32 -13.40
CA SER B 181 -26.26 13.49 -14.27
C SER B 181 -25.09 12.60 -13.86
N PHE B 182 -25.06 12.17 -12.60
CA PHE B 182 -23.95 11.36 -12.11
C PHE B 182 -24.20 9.89 -12.43
N ARG B 183 -25.43 9.46 -12.21
CA ARG B 183 -25.77 8.06 -12.39
C ARG B 183 -26.15 7.72 -13.83
N GLN B 184 -26.17 8.74 -14.71
CA GLN B 184 -26.62 8.56 -16.09
C GLN B 184 -25.72 7.59 -16.83
N ALA B 185 -24.45 7.56 -16.43
CA ALA B 185 -23.47 6.70 -17.06
C ALA B 185 -23.73 5.21 -16.79
N PHE B 186 -24.67 4.90 -15.90
CA PHE B 186 -24.89 3.50 -15.47
C PHE B 186 -26.32 3.00 -15.66
N PRO B 187 -26.79 2.96 -16.91
CA PRO B 187 -28.19 2.65 -17.14
C PRO B 187 -28.60 1.26 -16.66
N ASN B 188 -27.73 0.27 -16.81
CA ASN B 188 -28.06 -1.07 -16.33
C ASN B 188 -28.13 -1.12 -14.80
N THR B 189 -27.20 -0.44 -14.11
CA THR B 189 -27.25 -0.46 -12.65
C THR B 189 -28.49 0.28 -12.12
N ASN B 190 -28.80 1.43 -12.71
CA ASN B 190 -29.97 2.20 -12.31
C ASN B 190 -31.26 1.42 -12.56
N ARG B 191 -31.30 0.71 -13.68
CA ARG B 191 -32.46 -0.09 -14.05
C ARG B 191 -32.67 -1.23 -13.07
N TRP B 192 -31.60 -1.96 -12.78
CA TRP B 192 -31.64 -3.04 -11.80
C TRP B 192 -32.01 -2.52 -10.41
N PHE B 193 -31.42 -1.40 -10.00
CA PHE B 193 -31.73 -0.85 -8.66
C PHE B 193 -33.18 -0.43 -8.57
N LEU B 194 -33.68 0.30 -9.57
CA LEU B 194 -35.07 0.75 -9.57
C LEU B 194 -36.03 -0.43 -9.62
N THR B 195 -35.69 -1.43 -10.41
CA THR B 195 -36.46 -2.68 -10.44
C THR B 195 -36.54 -3.35 -9.06
N CYS B 196 -35.41 -3.44 -8.35
CA CYS B 196 -35.42 -4.15 -7.09
C CYS B 196 -36.24 -3.42 -6.05
N ILE B 197 -36.03 -2.10 -5.91
CA ILE B 197 -36.69 -1.36 -4.84
C ILE B 197 -38.18 -1.25 -5.12
N ASN B 198 -38.57 -1.49 -6.37
CA ASN B 198 -40.00 -1.49 -6.70
C ASN B 198 -40.63 -2.89 -6.67
N GLN B 199 -39.87 -3.92 -6.31
CA GLN B 199 -40.47 -5.22 -6.04
C GLN B 199 -41.34 -5.05 -4.80
N PRO B 200 -42.50 -5.71 -4.77
CA PRO B 200 -43.42 -5.63 -3.63
C PRO B 200 -42.75 -5.87 -2.27
N GLN B 201 -41.88 -6.87 -2.22
CA GLN B 201 -41.17 -7.19 -0.95
C GLN B 201 -40.23 -6.08 -0.48
N PHE B 202 -39.56 -5.40 -1.42
CA PHE B 202 -38.70 -4.27 -1.03
C PHE B 202 -39.54 -3.10 -0.53
N ARG B 203 -40.58 -2.76 -1.31
CA ARG B 203 -41.41 -1.61 -0.99
C ARG B 203 -42.12 -1.77 0.37
N ALA B 204 -42.49 -3.00 0.69
CA ALA B 204 -43.07 -3.31 1.99
C ALA B 204 -42.19 -2.84 3.15
N VAL B 205 -40.87 -2.81 2.91
CA VAL B 205 -39.91 -2.41 3.94
C VAL B 205 -39.41 -0.98 3.73
N LEU B 206 -39.01 -0.68 2.49
CA LEU B 206 -38.41 0.61 2.15
C LEU B 206 -39.42 1.74 1.92
N GLY B 207 -40.66 1.40 1.65
CA GLY B 207 -41.65 2.38 1.27
C GLY B 207 -41.31 2.95 -0.11
N GLU B 208 -41.81 4.14 -0.39
CA GLU B 208 -41.50 4.85 -1.64
C GLU B 208 -40.15 5.56 -1.52
N VAL B 209 -39.23 5.26 -2.43
CA VAL B 209 -37.89 5.85 -2.39
C VAL B 209 -37.73 6.92 -3.45
N LYS B 210 -37.43 8.14 -3.02
CA LYS B 210 -37.18 9.23 -3.97
C LYS B 210 -35.71 9.32 -4.34
N LEU B 211 -35.39 9.11 -5.62
CA LEU B 211 -34.02 9.23 -6.08
C LEU B 211 -33.55 10.66 -5.97
N CYS B 212 -32.29 10.82 -5.55
CA CYS B 212 -31.63 12.11 -5.47
C CYS B 212 -31.93 13.01 -6.67
N GLU B 213 -32.59 14.15 -6.42
CA GLU B 213 -32.86 15.16 -7.45
C GLU B 213 -31.59 15.89 -7.79
N LYS B 214 -31.12 16.59 -6.78
CA LYS B 214 -29.89 17.36 -6.84
CA LYS B 214 -29.86 17.31 -6.88
C LYS B 214 -28.98 16.88 -5.71
N MET B 215 -27.71 16.61 -6.03
CA MET B 215 -26.76 16.05 -5.07
C MET B 215 -26.72 16.78 -3.73
N ALA B 216 -26.77 16.03 -2.63
CA ALA B 216 -26.62 16.60 -1.30
C ALA B 216 -25.16 16.86 -0.98
N ALA C 2 40.02 26.69 -11.18
CA ALA C 2 39.88 26.03 -12.48
C ALA C 2 38.85 24.92 -12.41
N MET C 3 38.37 24.50 -13.57
CA MET C 3 37.43 23.39 -13.64
C MET C 3 38.18 22.07 -13.72
N ALA C 4 37.43 20.98 -13.70
CA ALA C 4 38.04 19.66 -13.70
C ALA C 4 38.56 19.30 -15.08
N ALA C 5 39.53 18.40 -15.10
CA ALA C 5 39.99 17.80 -16.33
C ALA C 5 40.36 16.34 -16.02
N GLY C 6 39.88 15.41 -16.83
CA GLY C 6 40.23 14.03 -16.63
C GLY C 6 39.55 13.09 -17.59
N THR C 7 39.58 11.81 -17.24
CA THR C 7 39.03 10.75 -18.08
C THR C 7 37.72 10.23 -17.50
N LEU C 8 36.73 10.07 -18.37
CA LEU C 8 35.46 9.48 -18.01
C LEU C 8 35.31 8.10 -18.63
N TYR C 9 35.25 7.08 -17.78
CA TYR C 9 35.09 5.70 -18.24
C TYR C 9 33.61 5.39 -18.37
N THR C 10 33.20 4.93 -19.54
CA THR C 10 31.82 4.65 -19.86
C THR C 10 31.72 4.14 -21.29
N TYR C 11 30.65 3.41 -21.58
CA TYR C 11 30.28 3.19 -22.97
C TYR C 11 29.53 4.44 -23.45
N PRO C 12 29.69 4.81 -24.73
CA PRO C 12 28.89 5.94 -25.24
C PRO C 12 27.41 5.54 -25.27
N GLU C 13 26.50 6.45 -25.61
CA GLU C 13 25.06 6.15 -25.61
C GLU C 13 24.57 5.86 -24.19
N ASN C 14 25.30 6.36 -23.19
CA ASN C 14 24.92 6.20 -21.78
C ASN C 14 24.37 7.52 -21.23
N TRP C 15 23.08 7.52 -20.90
CA TRP C 15 22.45 8.75 -20.46
C TRP C 15 23.02 9.22 -19.14
N ARG C 16 23.53 8.29 -18.32
CA ARG C 16 24.17 8.67 -17.06
C ARG C 16 25.46 9.44 -17.33
N ALA C 17 26.21 9.00 -18.33
CA ALA C 17 27.40 9.74 -18.77
C ALA C 17 27.02 11.10 -19.37
N PHE C 18 25.89 11.14 -20.07
CA PHE C 18 25.43 12.36 -20.73
C PHE C 18 25.34 13.52 -19.75
N LYS C 19 24.91 13.22 -18.53
CA LYS C 19 24.73 14.26 -17.52
C LYS C 19 26.03 15.01 -17.26
N ALA C 20 27.12 14.27 -17.11
CA ALA C 20 28.41 14.89 -16.86
C ALA C 20 28.93 15.61 -18.11
N LEU C 21 28.72 15.02 -19.28
CA LEU C 21 29.26 15.60 -20.51
C LEU C 21 28.58 16.93 -20.86
N ILE C 22 27.25 16.96 -20.75
CA ILE C 22 26.50 18.20 -20.90
C ILE C 22 26.95 19.23 -19.88
N ALA C 23 27.10 18.81 -18.64
CA ALA C 23 27.55 19.70 -17.57
C ALA C 23 28.90 20.33 -17.92
N ALA C 24 29.80 19.52 -18.47
CA ALA C 24 31.12 19.99 -18.88
C ALA C 24 31.05 21.01 -20.05
N GLN C 25 30.10 20.81 -20.96
CA GLN C 25 29.88 21.83 -22.00
C GLN C 25 29.65 23.20 -21.35
N TYR C 26 28.78 23.26 -20.34
CA TYR C 26 28.55 24.51 -19.62
C TYR C 26 29.75 25.02 -18.88
N SER C 27 30.42 24.14 -18.14
CA SER C 27 31.44 24.60 -17.21
C SER C 27 32.79 24.86 -17.85
N GLY C 28 33.04 24.24 -19.01
CA GLY C 28 34.35 24.29 -19.63
C GLY C 28 35.33 23.29 -19.02
N ALA C 29 34.81 22.26 -18.39
CA ALA C 29 35.65 21.19 -17.88
C ALA C 29 36.10 20.34 -19.05
N GLN C 30 37.33 19.84 -19.00
CA GLN C 30 37.84 19.03 -20.10
C GLN C 30 37.72 17.55 -19.76
N VAL C 31 36.79 16.88 -20.43
CA VAL C 31 36.45 15.50 -20.11
C VAL C 31 36.66 14.57 -21.30
N ARG C 32 37.72 13.76 -21.23
CA ARG C 32 38.02 12.79 -22.29
C ARG C 32 37.30 11.48 -22.04
N VAL C 33 36.54 11.02 -23.03
CA VAL C 33 35.73 9.81 -22.90
C VAL C 33 36.43 8.55 -23.37
N LEU C 34 36.55 7.58 -22.47
CA LEU C 34 37.24 6.33 -22.76
C LEU C 34 36.31 5.16 -22.43
N SER C 35 36.23 4.20 -23.34
CA SER C 35 35.33 3.05 -23.19
C SER C 35 35.74 2.14 -22.02
N ALA C 36 34.85 1.21 -21.66
CA ALA C 36 35.13 0.22 -20.65
C ALA C 36 34.94 -1.19 -21.21
C GLN C 44 36.90 -6.14 -17.11
N THR C 45 36.95 -4.98 -17.77
CA THR C 45 37.79 -3.86 -17.34
C THR C 45 37.22 -3.24 -16.06
N ASN C 46 35.90 -3.18 -15.95
CA ASN C 46 35.28 -2.73 -14.71
C ASN C 46 35.23 -3.87 -13.70
N ARG C 47 36.21 -4.77 -13.79
CA ARG C 47 36.36 -5.90 -12.88
C ARG C 47 37.85 -6.24 -12.63
N THR C 48 38.76 -5.49 -13.25
CA THR C 48 40.21 -5.65 -12.97
C THR C 48 40.58 -4.99 -11.64
N PRO C 49 41.60 -5.53 -10.93
CA PRO C 49 42.03 -4.97 -9.64
C PRO C 49 42.34 -3.47 -9.67
N GLU C 50 42.99 -2.98 -10.72
CA GLU C 50 43.28 -1.55 -10.81
C GLU C 50 42.01 -0.69 -10.86
N PHE C 51 41.03 -1.11 -11.67
CA PHE C 51 39.76 -0.38 -11.76
C PHE C 51 39.06 -0.36 -10.41
N LEU C 52 38.99 -1.53 -9.78
CA LEU C 52 38.34 -1.65 -8.48
C LEU C 52 39.13 -0.90 -7.42
N ARG C 53 40.44 -0.83 -7.62
CA ARG C 53 41.33 -0.03 -6.76
C ARG C 53 40.89 1.44 -6.75
N LYS C 54 40.67 2.00 -7.94
CA LYS C 54 40.21 3.38 -8.08
C LYS C 54 38.71 3.52 -7.84
N PHE C 55 37.95 2.57 -8.38
CA PHE C 55 36.49 2.59 -8.33
C PHE C 55 35.96 1.29 -7.73
N PRO C 56 35.94 1.22 -6.39
CA PRO C 56 35.61 0.00 -5.63
C PRO C 56 34.31 -0.67 -6.03
N ALA C 57 33.27 0.11 -6.32
CA ALA C 57 31.96 -0.43 -6.62
C ALA C 57 31.90 -1.10 -8.00
N GLY C 58 32.88 -0.84 -8.84
CA GLY C 58 32.94 -1.46 -10.15
C GLY C 58 31.80 -1.02 -11.05
N LYS C 59 31.35 0.22 -10.88
CA LYS C 59 30.27 0.76 -11.71
C LYS C 59 30.83 1.76 -12.70
N VAL C 60 30.17 1.89 -13.85
CA VAL C 60 30.45 3.01 -14.74
C VAL C 60 29.17 3.84 -14.79
N PRO C 61 29.29 5.15 -15.04
CA PRO C 61 30.52 5.87 -15.35
C PRO C 61 31.43 6.06 -14.13
N ALA C 62 32.72 6.25 -14.41
CA ALA C 62 33.74 6.49 -13.41
C ALA C 62 34.70 7.55 -13.93
N PHE C 63 35.14 8.44 -13.05
CA PHE C 63 35.98 9.57 -13.46
C PHE C 63 37.31 9.61 -12.75
N GLU C 64 38.40 9.66 -13.51
CA GLU C 64 39.72 9.89 -12.93
C GLU C 64 40.29 11.21 -13.41
N GLY C 65 40.49 12.14 -12.49
CA GLY C 65 41.09 13.41 -12.82
C GLY C 65 42.54 13.26 -13.22
N ASP C 66 43.07 14.27 -13.91
CA ASP C 66 44.44 14.23 -14.36
C ASP C 66 45.39 14.27 -13.15
N ASP C 67 44.92 14.86 -12.06
CA ASP C 67 45.67 14.88 -10.82
C ASP C 67 45.44 13.64 -9.97
N GLY C 68 44.80 12.64 -10.56
CA GLY C 68 44.59 11.38 -9.88
C GLY C 68 43.32 11.25 -9.07
N PHE C 69 42.54 12.33 -8.91
CA PHE C 69 41.30 12.25 -8.14
C PHE C 69 40.27 11.32 -8.81
N CYS C 70 39.71 10.40 -8.03
CA CYS C 70 38.75 9.41 -8.55
C CYS C 70 37.36 9.58 -7.94
N VAL C 71 36.33 9.48 -8.76
CA VAL C 71 34.97 9.56 -8.24
C VAL C 71 34.04 8.70 -9.10
N PHE C 72 33.05 8.07 -8.47
CA PHE C 72 32.04 7.31 -9.22
C PHE C 72 30.63 7.76 -8.81
N GLU C 73 29.63 7.15 -9.45
CA GLU C 73 28.22 7.59 -9.44
C GLU C 73 28.05 8.76 -10.41
N SER C 74 27.13 8.61 -11.37
CA SER C 74 26.94 9.64 -12.38
C SER C 74 26.58 11.00 -11.75
N ASN C 75 25.85 11.00 -10.64
CA ASN C 75 25.54 12.27 -9.97
C ASN C 75 26.76 12.98 -9.43
N ALA C 76 27.69 12.22 -8.88
CA ALA C 76 28.88 12.82 -8.27
C ALA C 76 29.82 13.32 -9.36
N ILE C 77 29.93 12.55 -10.44
CA ILE C 77 30.79 12.95 -11.56
C ILE C 77 30.28 14.23 -12.20
N ALA C 78 28.97 14.28 -12.43
CA ALA C 78 28.36 15.47 -13.01
C ALA C 78 28.57 16.64 -12.07
N TYR C 79 28.41 16.41 -10.77
CA TYR C 79 28.63 17.46 -9.79
C TYR C 79 30.07 17.98 -9.93
N TYR C 80 31.01 17.06 -10.00
CA TYR C 80 32.43 17.45 -10.00
C TYR C 80 32.86 18.28 -11.20
N VAL C 81 32.36 17.96 -12.40
CA VAL C 81 32.80 18.70 -13.58
C VAL C 81 31.91 19.92 -13.85
N SER C 82 30.96 20.17 -12.95
CA SER C 82 30.10 21.35 -13.03
C SER C 82 30.79 22.59 -12.46
N ASN C 83 30.12 23.72 -12.57
CA ASN C 83 30.56 24.93 -11.89
C ASN C 83 29.55 25.30 -10.80
N GLU C 84 29.79 26.39 -10.08
CA GLU C 84 28.91 26.79 -8.99
C GLU C 84 27.46 27.05 -9.43
N GLU C 85 27.28 27.62 -10.62
CA GLU C 85 25.95 27.92 -11.13
C GLU C 85 25.14 26.66 -11.47
N LEU C 86 25.77 25.65 -12.06
CA LEU C 86 25.05 24.41 -12.32
C LEU C 86 24.74 23.66 -11.01
N ARG C 87 25.57 23.86 -10.00
CA ARG C 87 25.42 23.17 -8.71
C ARG C 87 24.39 23.84 -7.80
N GLY C 88 24.22 25.14 -8.00
CA GLY C 88 23.32 25.94 -7.17
C GLY C 88 24.12 26.94 -6.37
N SER C 89 24.02 28.22 -6.73
CA SER C 89 24.91 29.23 -6.19
C SER C 89 24.51 29.71 -4.80
N THR C 90 23.33 29.30 -4.34
CA THR C 90 22.91 29.52 -2.96
C THR C 90 22.54 28.18 -2.32
N PRO C 91 22.51 28.12 -0.98
CA PRO C 91 22.12 26.84 -0.36
C PRO C 91 20.71 26.41 -0.74
N GLU C 92 19.78 27.36 -0.93
CA GLU C 92 18.43 27.00 -1.36
C GLU C 92 18.46 26.39 -2.73
N ALA C 93 19.22 26.98 -3.65
CA ALA C 93 19.23 26.50 -5.04
C ALA C 93 19.95 25.16 -5.13
N ALA C 94 21.04 25.03 -4.38
CA ALA C 94 21.76 23.77 -4.31
C ALA C 94 20.86 22.68 -3.74
N ALA C 95 20.09 22.98 -2.70
CA ALA C 95 19.18 21.98 -2.13
C ALA C 95 18.11 21.59 -3.14
N GLN C 96 17.64 22.55 -3.95
CA GLN C 96 16.65 22.23 -4.97
C GLN C 96 17.26 21.36 -6.05
N VAL C 97 18.53 21.58 -6.37
CA VAL C 97 19.23 20.71 -7.31
C VAL C 97 19.28 19.26 -6.79
N VAL C 98 19.70 19.07 -5.54
CA VAL C 98 19.74 17.74 -4.94
C VAL C 98 18.32 17.16 -4.97
N GLN C 99 17.34 18.02 -4.70
CA GLN C 99 15.94 17.59 -4.72
C GLN C 99 15.53 16.98 -6.06
N TRP C 100 15.75 17.69 -7.17
CA TRP C 100 15.32 17.18 -8.46
C TRP C 100 16.15 15.98 -8.91
N VAL C 101 17.43 15.98 -8.58
CA VAL C 101 18.31 14.86 -8.90
C VAL C 101 17.83 13.60 -8.19
N SER C 102 17.54 13.74 -6.89
CA SER C 102 17.02 12.64 -6.09
C SER C 102 15.66 12.15 -6.62
N PHE C 103 14.79 13.07 -7.01
CA PHE C 103 13.48 12.70 -7.55
C PHE C 103 13.63 11.96 -8.88
N ALA C 104 14.57 12.39 -9.72
CA ALA C 104 14.81 11.67 -10.96
C ALA C 104 15.22 10.24 -10.69
N ASP C 105 16.16 10.04 -9.76
CA ASP C 105 16.63 8.69 -9.42
C ASP C 105 15.53 7.83 -8.80
N SER C 106 14.82 8.38 -7.82
CA SER C 106 13.84 7.57 -7.09
C SER C 106 12.53 7.38 -7.85
N ASP C 107 12.04 8.40 -8.53
CA ASP C 107 10.70 8.35 -9.09
C ASP C 107 10.61 8.18 -10.60
N ILE C 108 11.58 8.71 -11.35
CA ILE C 108 11.49 8.64 -12.81
C ILE C 108 12.18 7.41 -13.39
N VAL C 109 13.40 7.10 -12.93
CA VAL C 109 14.18 6.01 -13.51
C VAL C 109 13.43 4.65 -13.54
N PRO C 110 12.73 4.28 -12.45
CA PRO C 110 12.09 2.96 -12.56
C PRO C 110 10.99 2.86 -13.64
N PRO C 111 9.97 3.73 -13.63
CA PRO C 111 8.99 3.50 -14.70
C PRO C 111 9.53 3.81 -16.11
N ALA C 112 10.46 4.74 -16.23
CA ALA C 112 11.05 5.07 -17.52
C ALA C 112 11.73 3.86 -18.16
N SER C 113 12.55 3.18 -17.37
CA SER C 113 13.16 1.93 -17.78
C SER C 113 12.13 0.93 -18.31
N THR C 114 11.24 0.50 -17.43
CA THR C 114 10.16 -0.45 -17.74
C THR C 114 9.46 -0.23 -19.10
N TRP C 115 9.18 1.03 -19.42
CA TRP C 115 8.45 1.36 -20.64
C TRP C 115 9.36 1.39 -21.86
N VAL C 116 10.46 2.13 -21.76
CA VAL C 116 11.31 2.41 -22.91
C VAL C 116 12.25 1.24 -23.20
N PHE C 117 12.47 0.39 -22.21
CA PHE C 117 13.38 -0.74 -22.40
C PHE C 117 12.90 -1.77 -23.43
N PRO C 118 11.60 -2.14 -23.42
CA PRO C 118 11.16 -3.07 -24.47
C PRO C 118 11.23 -2.51 -25.90
N THR C 119 11.37 -1.20 -26.05
CA THR C 119 11.39 -0.60 -27.38
C THR C 119 12.82 -0.36 -27.88
N LEU C 120 13.80 -0.55 -26.99
CA LEU C 120 15.21 -0.45 -27.35
C LEU C 120 15.91 -1.82 -27.31
N GLY C 121 15.13 -2.87 -27.06
CA GLY C 121 15.66 -4.23 -27.06
C GLY C 121 16.46 -4.58 -25.81
N ILE C 122 16.45 -3.72 -24.81
CA ILE C 122 17.22 -3.96 -23.61
C ILE C 122 16.44 -4.85 -22.62
N MET C 123 15.11 -4.75 -22.63
CA MET C 123 14.27 -5.70 -21.88
C MET C 123 13.15 -6.26 -22.76
N HIS C 124 12.56 -7.39 -22.34
CA HIS C 124 11.49 -8.02 -23.11
C HIS C 124 10.16 -7.28 -22.93
N HIS C 125 9.31 -7.34 -23.95
CA HIS C 125 7.99 -6.71 -23.87
C HIS C 125 7.13 -7.36 -22.79
N ASN C 126 6.34 -6.54 -22.11
CA ASN C 126 5.32 -7.02 -21.18
C ASN C 126 4.21 -5.99 -21.18
N LYS C 127 3.10 -6.35 -21.83
CA LYS C 127 2.03 -5.40 -22.12
C LYS C 127 1.52 -4.67 -20.89
N GLN C 128 1.17 -5.43 -19.84
CA GLN C 128 0.61 -4.82 -18.65
C GLN C 128 1.68 -4.10 -17.84
N ALA C 129 2.91 -4.60 -17.88
CA ALA C 129 4.01 -3.92 -17.21
C ALA C 129 4.19 -2.52 -17.80
N THR C 130 4.11 -2.43 -19.12
CA THR C 130 4.30 -1.12 -19.73
C THR C 130 3.06 -0.24 -19.54
N GLU C 131 1.87 -0.83 -19.51
CA GLU C 131 0.67 -0.04 -19.24
C GLU C 131 0.75 0.56 -17.83
N ASN C 132 1.25 -0.22 -16.86
CA ASN C 132 1.43 0.29 -15.50
C ASN C 132 2.47 1.41 -15.47
N ALA C 133 3.56 1.21 -16.20
CA ALA C 133 4.63 2.21 -16.29
C ALA C 133 4.13 3.49 -16.95
N LYS C 134 3.32 3.36 -18.00
CA LYS C 134 2.72 4.52 -18.66
C LYS C 134 2.03 5.43 -17.65
N GLU C 135 1.26 4.81 -16.76
CA GLU C 135 0.51 5.57 -15.77
C GLU C 135 1.43 6.34 -14.83
N GLU C 136 2.47 5.68 -14.34
CA GLU C 136 3.41 6.35 -13.45
C GLU C 136 4.16 7.47 -14.18
N VAL C 137 4.46 7.27 -15.46
CA VAL C 137 5.08 8.34 -16.24
C VAL C 137 4.13 9.54 -16.41
N ARG C 138 2.84 9.28 -16.58
CA ARG C 138 1.86 10.37 -16.71
C ARG C 138 1.83 11.22 -15.46
N ARG C 139 1.99 10.59 -14.30
CA ARG C 139 1.93 11.30 -13.03
C ARG C 139 3.16 12.20 -12.88
N ILE C 140 4.30 11.71 -13.34
CA ILE C 140 5.55 12.46 -13.28
C ILE C 140 5.55 13.64 -14.28
N LEU C 141 5.10 13.37 -15.50
CA LEU C 141 5.00 14.45 -16.50
C LEU C 141 4.02 15.51 -16.01
N GLY C 142 2.95 15.07 -15.36
CA GLY C 142 1.93 15.98 -14.86
C GLY C 142 2.45 16.84 -13.71
N LEU C 143 3.25 16.22 -12.86
CA LEU C 143 3.88 16.94 -11.76
C LEU C 143 4.85 18.00 -12.26
N LEU C 144 5.70 17.61 -13.22
CA LEU C 144 6.59 18.57 -13.84
C LEU C 144 5.80 19.66 -14.58
N ASP C 145 4.65 19.30 -15.14
CA ASP C 145 3.92 20.27 -15.96
C ASP C 145 3.38 21.40 -15.10
N ALA C 146 2.82 21.07 -13.94
CA ALA C 146 2.31 22.09 -13.04
C ALA C 146 3.44 22.95 -12.48
N TYR C 147 4.58 22.31 -12.20
CA TYR C 147 5.71 23.05 -11.67
C TYR C 147 6.29 24.02 -12.71
N LEU C 148 6.33 23.59 -13.96
CA LEU C 148 6.98 24.39 -15.00
C LEU C 148 6.01 25.36 -15.68
N LYS C 149 4.77 25.40 -15.20
CA LYS C 149 3.76 26.28 -15.79
C LYS C 149 4.25 27.74 -15.83
N THR C 150 4.87 28.18 -14.74
CA THR C 150 5.33 29.56 -14.63
C THR C 150 6.84 29.70 -14.54
N ARG C 151 7.58 28.64 -14.87
CA ARG C 151 9.05 28.64 -14.72
C ARG C 151 9.70 28.26 -16.03
N THR C 152 10.86 28.86 -16.31
CA THR C 152 11.64 28.52 -17.49
C THR C 152 12.43 27.24 -17.24
N PHE C 153 13.05 27.18 -16.06
CA PHE C 153 13.86 26.01 -15.67
C PHE C 153 13.47 25.56 -14.25
N LEU C 154 13.93 24.38 -13.85
CA LEU C 154 13.55 23.83 -12.56
C LEU C 154 14.02 24.67 -11.36
N VAL C 155 15.20 25.29 -11.47
CA VAL C 155 15.81 25.98 -10.34
C VAL C 155 16.42 27.32 -10.77
N GLY C 156 16.01 28.39 -10.10
CA GLY C 156 16.47 29.72 -10.49
C GLY C 156 16.11 30.05 -11.92
N GLU C 157 16.92 30.86 -12.57
CA GLU C 157 16.56 31.40 -13.89
C GLU C 157 17.41 30.85 -15.04
N ARG C 158 18.18 29.81 -14.73
CA ARG C 158 19.23 29.30 -15.60
C ARG C 158 19.29 27.77 -15.56
N VAL C 159 19.80 27.11 -16.60
CA VAL C 159 20.02 25.67 -16.55
C VAL C 159 20.91 25.31 -15.36
N THR C 160 20.51 24.25 -14.65
CA THR C 160 21.35 23.70 -13.57
C THR C 160 21.46 22.21 -13.78
N LEU C 161 22.19 21.53 -12.89
CA LEU C 161 22.22 20.07 -12.92
C LEU C 161 20.81 19.48 -12.82
N ALA C 162 19.88 20.20 -12.19
CA ALA C 162 18.51 19.72 -12.06
C ALA C 162 17.92 19.47 -13.44
N ASP C 163 17.97 20.46 -14.32
CA ASP C 163 17.42 20.30 -15.67
C ASP C 163 18.18 19.22 -16.43
N ILE C 164 19.52 19.29 -16.38
CA ILE C 164 20.35 18.31 -17.06
C ILE C 164 20.01 16.89 -16.62
N THR C 165 19.89 16.69 -15.31
CA THR C 165 19.61 15.37 -14.79
C THR C 165 18.22 14.91 -15.20
N VAL C 166 17.21 15.75 -14.99
CA VAL C 166 15.87 15.30 -15.29
C VAL C 166 15.67 15.11 -16.81
N VAL C 167 16.29 15.96 -17.61
CA VAL C 167 16.18 15.80 -19.07
C VAL C 167 16.76 14.46 -19.50
N CYS C 168 17.96 14.13 -19.00
CA CYS C 168 18.62 12.89 -19.40
C CYS C 168 17.84 11.65 -18.98
N THR C 169 17.22 11.71 -17.81
CA THR C 169 16.40 10.61 -17.35
C THR C 169 15.15 10.45 -18.21
N LEU C 170 14.66 11.56 -18.76
CA LEU C 170 13.48 11.55 -19.63
C LEU C 170 13.82 11.38 -21.11
N LEU C 171 15.11 11.41 -21.43
CA LEU C 171 15.55 11.47 -22.83
C LEU C 171 15.00 10.35 -23.71
N TRP C 172 15.14 9.11 -23.26
CA TRP C 172 14.72 7.97 -24.07
C TRP C 172 13.18 7.87 -24.20
N LEU C 173 12.45 8.26 -23.17
CA LEU C 173 10.99 8.28 -23.24
C LEU C 173 10.55 9.19 -24.38
N TYR C 174 11.08 10.41 -24.38
CA TYR C 174 10.72 11.40 -25.39
C TYR C 174 11.11 10.97 -26.82
N LYS C 175 12.20 10.22 -26.95
CA LYS C 175 12.63 9.72 -28.25
C LYS C 175 11.76 8.56 -28.76
N GLN C 176 11.33 7.70 -27.84
CA GLN C 176 10.80 6.41 -28.23
C GLN C 176 9.30 6.24 -28.06
N VAL C 177 8.74 6.77 -26.98
CA VAL C 177 7.37 6.39 -26.65
C VAL C 177 6.40 7.55 -26.36
N LEU C 178 6.93 8.73 -26.03
CA LEU C 178 6.03 9.83 -25.69
C LEU C 178 5.47 10.49 -26.95
N GLU C 179 4.66 9.73 -27.68
CA GLU C 179 4.08 10.19 -28.93
C GLU C 179 3.11 11.35 -28.68
N PRO C 180 2.88 12.20 -29.71
CA PRO C 180 2.09 13.42 -29.63
C PRO C 180 0.83 13.35 -28.78
N SER C 181 -0.04 12.38 -29.06
CA SER C 181 -1.29 12.23 -28.33
C SER C 181 -1.05 11.95 -26.85
N PHE C 182 0.00 11.20 -26.55
CA PHE C 182 0.32 10.90 -25.17
C PHE C 182 0.84 12.12 -24.43
N ARG C 183 1.69 12.90 -25.08
CA ARG C 183 2.35 14.00 -24.38
C ARG C 183 1.56 15.31 -24.44
N GLN C 184 0.48 15.34 -25.22
CA GLN C 184 -0.23 16.60 -25.43
C GLN C 184 -0.79 17.21 -24.15
N ALA C 185 -0.99 16.37 -23.14
CA ALA C 185 -1.52 16.82 -21.86
C ALA C 185 -0.47 17.56 -21.05
N PHE C 186 0.77 17.57 -21.51
CA PHE C 186 1.84 18.18 -20.74
C PHE C 186 2.60 19.22 -21.53
N PRO C 187 1.91 20.29 -21.98
CA PRO C 187 2.54 21.29 -22.84
C PRO C 187 3.70 22.00 -22.16
N ASN C 188 3.61 22.25 -20.85
CA ASN C 188 4.69 22.94 -20.14
C ASN C 188 5.94 22.07 -19.98
N THR C 189 5.77 20.80 -19.62
CA THR C 189 6.87 19.87 -19.58
C THR C 189 7.53 19.73 -20.96
N ASN C 190 6.71 19.60 -22.01
CA ASN C 190 7.23 19.52 -23.39
C ASN C 190 8.08 20.71 -23.80
N ARG C 191 7.61 21.91 -23.47
CA ARG C 191 8.31 23.14 -23.82
C ARG C 191 9.65 23.25 -23.08
N TRP C 192 9.62 22.90 -21.80
CA TRP C 192 10.82 22.93 -20.98
C TRP C 192 11.83 21.92 -21.53
N PHE C 193 11.37 20.72 -21.83
CA PHE C 193 12.25 19.70 -22.42
C PHE C 193 12.84 20.17 -23.75
N LEU C 194 11.98 20.70 -24.63
CA LEU C 194 12.45 21.19 -25.93
C LEU C 194 13.43 22.36 -25.76
N THR C 195 13.13 23.24 -24.81
CA THR C 195 14.02 24.36 -24.53
C THR C 195 15.40 23.87 -24.08
N CYS C 196 15.44 22.83 -23.25
CA CYS C 196 16.72 22.31 -22.78
C CYS C 196 17.52 21.64 -23.89
N ILE C 197 16.90 20.72 -24.62
CA ILE C 197 17.69 19.90 -25.54
C ILE C 197 18.17 20.71 -26.74
N ASN C 198 17.54 21.85 -26.98
CA ASN C 198 17.96 22.73 -28.07
C ASN C 198 19.06 23.73 -27.69
N GLN C 199 19.47 23.72 -26.43
CA GLN C 199 20.65 24.48 -26.04
C GLN C 199 21.89 23.91 -26.74
N PRO C 200 22.83 24.78 -27.13
CA PRO C 200 24.10 24.33 -27.73
C PRO C 200 24.78 23.25 -26.87
N GLN C 201 24.91 23.53 -25.57
CA GLN C 201 25.52 22.58 -24.65
C GLN C 201 24.87 21.19 -24.70
N PHE C 202 23.55 21.14 -24.83
CA PHE C 202 22.85 19.86 -24.88
C PHE C 202 23.02 19.17 -26.22
N ARG C 203 22.81 19.91 -27.31
CA ARG C 203 22.91 19.37 -28.66
C ARG C 203 24.32 18.84 -28.92
N ALA C 204 25.32 19.52 -28.36
CA ALA C 204 26.72 19.10 -28.46
C ALA C 204 26.92 17.65 -28.03
N VAL C 205 26.14 17.19 -27.05
CA VAL C 205 26.27 15.83 -26.56
C VAL C 205 25.20 14.92 -27.13
N LEU C 206 23.98 15.44 -27.21
CA LEU C 206 22.84 14.63 -27.61
C LEU C 206 22.62 14.62 -29.11
N GLY C 207 23.25 15.56 -29.81
CA GLY C 207 22.99 15.72 -31.23
C GLY C 207 21.59 16.28 -31.43
N GLU C 208 21.00 15.98 -32.57
CA GLU C 208 19.69 16.50 -32.89
C GLU C 208 18.60 15.52 -32.46
N VAL C 209 17.94 15.82 -31.35
CA VAL C 209 16.90 14.95 -30.80
C VAL C 209 15.58 15.10 -31.55
N LYS C 210 15.04 13.98 -32.03
CA LYS C 210 13.72 13.95 -32.63
C LYS C 210 12.69 13.40 -31.65
N LEU C 211 11.70 14.23 -31.31
CA LEU C 211 10.62 13.78 -30.44
C LEU C 211 9.84 12.67 -31.11
N CYS C 212 9.32 11.76 -30.30
CA CYS C 212 8.62 10.58 -30.78
C CYS C 212 7.48 10.93 -31.74
N GLU C 213 7.35 10.14 -32.80
CA GLU C 213 6.40 10.38 -33.88
C GLU C 213 5.15 9.54 -33.74
N LYS C 214 5.36 8.30 -33.35
CA LYS C 214 4.32 7.29 -33.29
C LYS C 214 4.79 6.25 -32.29
N MET C 215 4.06 6.14 -31.18
CA MET C 215 4.48 5.33 -30.02
C MET C 215 5.07 3.98 -30.42
N ALA C 216 6.39 3.86 -30.29
CA ALA C 216 7.11 2.66 -30.71
C ALA C 216 6.68 1.42 -29.91
N GLY D 1 22.55 25.18 7.15
CA GLY D 1 23.53 25.74 8.06
C GLY D 1 22.92 26.03 9.42
N ALA D 2 23.70 26.66 10.30
CA ALA D 2 23.25 26.97 11.66
C ALA D 2 21.95 27.80 11.66
N MET D 3 21.77 28.63 10.64
CA MET D 3 20.66 29.58 10.61
C MET D 3 19.36 29.00 10.06
N ALA D 4 19.44 27.86 9.37
CA ALA D 4 18.24 27.23 8.84
C ALA D 4 17.32 26.85 9.99
N ALA D 5 16.04 27.11 9.82
CA ALA D 5 15.06 26.72 10.82
C ALA D 5 13.78 26.40 10.11
N GLY D 6 13.10 25.35 10.52
CA GLY D 6 11.88 24.97 9.82
C GLY D 6 11.20 23.74 10.36
N THR D 7 10.15 23.32 9.66
CA THR D 7 9.32 22.21 10.10
C THR D 7 9.53 21.02 9.17
N LEU D 8 9.86 19.87 9.77
CA LEU D 8 10.07 18.62 9.05
C LEU D 8 8.84 17.74 9.18
N TYR D 9 8.15 17.52 8.05
CA TYR D 9 6.96 16.67 8.01
C TYR D 9 7.36 15.23 7.82
N THR D 10 6.95 14.38 8.75
CA THR D 10 7.33 12.96 8.73
C THR D 10 6.69 12.20 9.89
N TYR D 11 6.53 10.89 9.75
CA TYR D 11 6.22 10.04 10.91
C TYR D 11 7.50 9.77 11.73
N PRO D 12 7.34 9.48 13.04
CA PRO D 12 8.52 9.29 13.89
C PRO D 12 9.32 8.04 13.51
N GLU D 13 10.56 7.97 13.98
CA GLU D 13 11.41 6.81 13.75
C GLU D 13 11.56 6.49 12.26
N ASN D 14 11.73 7.54 11.46
CA ASN D 14 11.92 7.39 10.03
C ASN D 14 13.39 7.61 9.70
N TRP D 15 14.07 6.58 9.20
CA TRP D 15 15.50 6.72 8.95
C TRP D 15 15.78 7.80 7.90
N ARG D 16 14.84 8.05 7.00
CA ARG D 16 15.05 9.09 6.00
C ARG D 16 15.07 10.48 6.63
N ALA D 17 14.20 10.67 7.61
CA ALA D 17 14.16 11.92 8.37
C ALA D 17 15.39 12.02 9.24
N PHE D 18 15.88 10.88 9.75
CA PHE D 18 17.07 10.86 10.61
C PHE D 18 18.28 11.52 9.95
N LYS D 19 18.37 11.43 8.63
CA LYS D 19 19.48 12.05 7.94
C LYS D 19 19.53 13.56 8.19
N ALA D 20 18.39 14.24 8.09
CA ALA D 20 18.37 15.67 8.27
C ALA D 20 18.45 16.02 9.75
N LEU D 21 17.82 15.20 10.59
CA LEU D 21 17.80 15.46 12.02
C LEU D 21 19.21 15.35 12.60
N ILE D 22 19.99 14.39 12.14
CA ILE D 22 21.35 14.23 12.63
C ILE D 22 22.23 15.34 12.08
N ALA D 23 22.04 15.70 10.81
CA ALA D 23 22.81 16.79 10.19
C ALA D 23 22.61 18.08 10.97
N ALA D 24 21.36 18.33 11.38
CA ALA D 24 21.05 19.54 12.12
C ALA D 24 21.69 19.53 13.51
N GLN D 25 21.90 18.36 14.10
CA GLN D 25 22.64 18.30 15.36
C GLN D 25 24.06 18.82 15.17
N TYR D 26 24.67 18.52 14.03
CA TYR D 26 26.01 19.04 13.74
C TYR D 26 25.99 20.53 13.40
N SER D 27 25.00 20.96 12.61
CA SER D 27 25.04 22.29 12.03
C SER D 27 24.57 23.37 13.00
N GLY D 28 23.66 23.00 13.89
CA GLY D 28 22.99 23.98 14.73
C GLY D 28 21.61 24.38 14.23
N ALA D 29 21.24 23.94 13.02
CA ALA D 29 19.91 24.21 12.47
C ALA D 29 18.80 23.71 13.37
N GLN D 30 17.69 24.45 13.41
CA GLN D 30 16.58 24.09 14.30
C GLN D 30 15.45 23.47 13.50
N VAL D 31 15.33 22.16 13.61
CA VAL D 31 14.38 21.39 12.83
C VAL D 31 13.35 20.80 13.78
N ARG D 32 12.10 21.22 13.64
CA ARG D 32 11.02 20.65 14.46
C ARG D 32 10.24 19.66 13.61
N VAL D 33 9.69 18.63 14.25
CA VAL D 33 9.03 17.56 13.54
C VAL D 33 7.53 17.65 13.70
N LEU D 34 6.80 17.59 12.60
CA LEU D 34 5.35 17.48 12.64
C LEU D 34 4.96 16.15 12.00
N SER D 35 4.27 15.31 12.77
CA SER D 35 3.87 13.98 12.31
C SER D 35 2.39 13.88 12.05
N ALA D 36 1.89 14.56 11.03
CA ALA D 36 0.48 14.39 10.63
C ALA D 36 0.35 13.26 9.60
N PRO D 37 -0.57 12.31 9.85
CA PRO D 37 -0.70 11.13 9.01
C PRO D 37 -1.32 11.43 7.64
N PRO D 38 -1.04 10.60 6.65
CA PRO D 38 -1.75 10.74 5.39
C PRO D 38 -3.17 10.21 5.53
N HIS D 39 -3.97 10.32 4.47
CA HIS D 39 -5.29 9.73 4.49
C HIS D 39 -5.29 8.45 3.67
N PHE D 40 -6.04 7.47 4.12
CA PHE D 40 -6.18 6.23 3.38
C PHE D 40 -7.57 6.15 2.79
N HIS D 41 -7.63 6.31 1.47
CA HIS D 41 -8.90 6.27 0.77
C HIS D 41 -9.00 5.06 -0.15
N PHE D 42 -9.61 3.98 0.35
CA PHE D 42 -9.96 2.83 -0.48
C PHE D 42 -8.73 2.32 -1.23
N GLY D 43 -7.65 2.10 -0.49
CA GLY D 43 -6.45 1.49 -1.06
C GLY D 43 -5.40 2.50 -1.48
N GLN D 44 -5.77 3.77 -1.42
CA GLN D 44 -4.93 4.86 -1.91
C GLN D 44 -4.49 5.76 -0.75
N THR D 45 -3.19 6.06 -0.67
CA THR D 45 -2.65 6.96 0.35
C THR D 45 -2.56 8.40 -0.18
N ASN D 46 -3.28 9.33 0.46
CA ASN D 46 -3.34 10.71 -0.04
C ASN D 46 -2.95 11.74 1.02
N ARG D 47 -2.45 12.87 0.58
CA ARG D 47 -2.16 13.96 1.50
C ARG D 47 -2.99 15.21 1.21
N THR D 48 -3.07 16.11 2.18
CA THR D 48 -3.91 17.31 2.08
C THR D 48 -3.52 18.22 0.92
N PRO D 49 -4.46 19.06 0.44
CA PRO D 49 -4.15 20.02 -0.62
C PRO D 49 -3.05 20.99 -0.23
N GLU D 50 -3.02 21.44 1.02
CA GLU D 50 -1.97 22.37 1.45
C GLU D 50 -0.60 21.72 1.33
N PHE D 51 -0.52 20.45 1.73
CA PHE D 51 0.74 19.71 1.65
C PHE D 51 1.18 19.59 0.18
N LEU D 52 0.25 19.20 -0.68
CA LEU D 52 0.59 18.98 -2.09
C LEU D 52 0.96 20.30 -2.79
N ARG D 53 0.39 21.40 -2.32
CA ARG D 53 0.76 22.73 -2.78
C ARG D 53 2.27 23.00 -2.60
N LYS D 54 2.78 22.68 -1.43
CA LYS D 54 4.20 22.87 -1.12
C LYS D 54 5.05 21.68 -1.59
N PHE D 55 4.46 20.49 -1.58
CA PHE D 55 5.20 19.27 -1.85
C PHE D 55 4.41 18.37 -2.79
N PRO D 56 4.49 18.67 -4.10
CA PRO D 56 3.58 18.10 -5.11
C PRO D 56 3.76 16.60 -5.33
N ALA D 57 4.94 16.08 -5.03
CA ALA D 57 5.17 14.63 -5.10
C ALA D 57 4.44 13.87 -3.99
N GLY D 58 3.97 14.60 -2.98
CA GLY D 58 3.22 14.03 -1.89
C GLY D 58 3.99 13.05 -1.00
N LYS D 59 5.31 13.18 -0.96
CA LYS D 59 6.12 12.27 -0.17
C LYS D 59 6.61 12.92 1.12
N VAL D 60 6.89 12.10 2.12
CA VAL D 60 7.62 12.56 3.29
C VAL D 60 8.93 11.77 3.34
N PRO D 61 9.97 12.32 3.99
CA PRO D 61 10.00 13.62 4.67
C PRO D 61 9.91 14.82 3.72
N ALA D 62 9.38 15.91 4.24
CA ALA D 62 9.29 17.19 3.52
C ALA D 62 9.58 18.29 4.52
N PHE D 63 10.14 19.38 4.04
CA PHE D 63 10.63 20.44 4.92
C PHE D 63 10.14 21.80 4.47
N GLU D 64 9.57 22.56 5.40
CA GLU D 64 9.21 23.94 5.12
C GLU D 64 9.95 24.86 6.08
N GLY D 65 10.81 25.72 5.52
CA GLY D 65 11.56 26.66 6.32
C GLY D 65 10.65 27.75 6.87
N ASP D 66 11.08 28.34 7.99
CA ASP D 66 10.28 29.38 8.62
C ASP D 66 10.17 30.62 7.72
N ASP D 67 11.06 30.74 6.73
CA ASP D 67 10.91 31.78 5.72
C ASP D 67 10.14 31.33 4.47
N GLY D 68 9.55 30.14 4.53
CA GLY D 68 8.68 29.68 3.47
C GLY D 68 9.36 28.85 2.38
N PHE D 69 10.68 28.70 2.49
CA PHE D 69 11.41 27.84 1.56
C PHE D 69 11.01 26.38 1.72
N CYS D 70 10.54 25.78 0.63
CA CYS D 70 10.11 24.37 0.65
C CYS D 70 11.05 23.43 -0.10
N VAL D 71 11.31 22.26 0.47
CA VAL D 71 12.14 21.28 -0.21
C VAL D 71 11.74 19.87 0.23
N PHE D 72 11.81 18.93 -0.69
CA PHE D 72 11.47 17.55 -0.41
C PHE D 72 12.61 16.67 -0.92
N GLU D 73 12.48 15.37 -0.69
CA GLU D 73 13.52 14.36 -0.88
C GLU D 73 14.45 14.46 0.31
N SER D 74 14.54 13.38 1.08
CA SER D 74 15.35 13.35 2.29
C SER D 74 16.79 13.82 2.08
N ASN D 75 17.39 13.52 0.93
CA ASN D 75 18.77 13.97 0.68
C ASN D 75 18.89 15.48 0.56
N ALA D 76 17.89 16.11 -0.04
CA ALA D 76 17.93 17.54 -0.27
C ALA D 76 17.69 18.27 1.03
N ILE D 77 16.79 17.72 1.84
CA ILE D 77 16.51 18.30 3.15
C ILE D 77 17.77 18.25 4.02
N ALA D 78 18.38 17.08 4.08
CA ALA D 78 19.60 16.92 4.89
C ALA D 78 20.70 17.83 4.36
N TYR D 79 20.74 18.01 3.04
CA TYR D 79 21.72 18.92 2.46
C TYR D 79 21.47 20.33 2.99
N TYR D 80 20.21 20.73 3.00
CA TYR D 80 19.85 22.10 3.30
C TYR D 80 20.14 22.50 4.75
N VAL D 81 19.85 21.59 5.69
CA VAL D 81 20.06 21.89 7.09
C VAL D 81 21.50 21.61 7.52
N SER D 82 22.32 21.07 6.61
CA SER D 82 23.76 20.88 6.87
C SER D 82 24.56 22.18 6.78
N ASN D 83 25.81 22.14 7.25
CA ASN D 83 26.76 23.21 7.00
C ASN D 83 27.75 22.83 5.89
N GLU D 84 28.71 23.71 5.63
CA GLU D 84 29.70 23.48 4.59
C GLU D 84 30.57 22.25 4.90
N GLU D 85 30.88 22.04 6.17
CA GLU D 85 31.71 20.89 6.52
C GLU D 85 31.02 19.56 6.19
N LEU D 86 29.73 19.46 6.52
CA LEU D 86 28.97 18.23 6.26
C LEU D 86 28.70 18.02 4.77
N ARG D 87 28.54 19.14 4.04
CA ARG D 87 28.30 19.10 2.61
C ARG D 87 29.55 18.75 1.80
N GLY D 88 30.71 19.07 2.37
CA GLY D 88 31.97 18.97 1.66
C GLY D 88 32.55 20.36 1.38
N SER D 89 33.68 20.67 2.01
CA SER D 89 34.30 22.02 1.95
C SER D 89 35.00 22.39 0.64
N THR D 90 35.23 21.39 -0.21
CA THR D 90 35.90 21.58 -1.49
C THR D 90 35.09 20.81 -2.50
N PRO D 91 35.19 21.18 -3.78
CA PRO D 91 34.51 20.39 -4.81
C PRO D 91 34.88 18.90 -4.74
N GLU D 92 36.12 18.59 -4.37
CA GLU D 92 36.51 17.18 -4.22
C GLU D 92 35.69 16.53 -3.12
N ALA D 93 35.68 17.14 -1.94
CA ALA D 93 34.96 16.56 -0.80
C ALA D 93 33.46 16.53 -1.07
N ALA D 94 32.94 17.61 -1.65
CA ALA D 94 31.52 17.71 -2.00
C ALA D 94 31.12 16.62 -2.98
N ALA D 95 31.96 16.39 -4.00
CA ALA D 95 31.69 15.33 -4.96
C ALA D 95 31.71 13.95 -4.30
N GLN D 96 32.64 13.73 -3.38
CA GLN D 96 32.69 12.44 -2.69
C GLN D 96 31.44 12.24 -1.84
N VAL D 97 30.93 13.33 -1.29
CA VAL D 97 29.71 13.23 -0.53
C VAL D 97 28.55 12.84 -1.44
N VAL D 98 28.46 13.44 -2.62
CA VAL D 98 27.36 13.08 -3.53
C VAL D 98 27.48 11.61 -3.95
N GLN D 99 28.72 11.16 -4.12
CA GLN D 99 29.01 9.77 -4.47
C GLN D 99 28.45 8.73 -3.49
N TRP D 100 28.72 8.91 -2.20
CA TRP D 100 28.26 7.95 -1.19
C TRP D 100 26.76 8.06 -0.95
N VAL D 101 26.23 9.27 -1.08
CA VAL D 101 24.79 9.49 -0.95
C VAL D 101 24.07 8.75 -2.07
N SER D 102 24.58 8.92 -3.29
CA SER D 102 24.00 8.27 -4.45
C SER D 102 24.17 6.74 -4.37
N PHE D 103 25.33 6.29 -3.91
CA PHE D 103 25.61 4.87 -3.75
C PHE D 103 24.64 4.25 -2.74
N ALA D 104 24.47 4.93 -1.60
CA ALA D 104 23.47 4.53 -0.60
C ALA D 104 22.08 4.31 -1.20
N ASP D 105 21.57 5.32 -1.90
CA ASP D 105 20.24 5.24 -2.55
C ASP D 105 20.13 4.13 -3.58
N SER D 106 21.13 3.99 -4.45
CA SER D 106 21.00 3.05 -5.56
C SER D 106 21.29 1.61 -5.14
N ASP D 107 22.33 1.43 -4.31
CA ASP D 107 22.83 0.09 -4.04
C ASP D 107 22.52 -0.47 -2.65
N ILE D 108 22.34 0.38 -1.65
CA ILE D 108 22.13 -0.13 -0.29
C ILE D 108 20.64 -0.18 0.09
N VAL D 109 19.90 0.88 -0.20
CA VAL D 109 18.50 0.93 0.21
C VAL D 109 17.71 -0.30 -0.30
N PRO D 110 17.81 -0.67 -1.60
CA PRO D 110 16.94 -1.79 -2.01
C PRO D 110 17.22 -3.14 -1.28
N PRO D 111 18.47 -3.64 -1.23
CA PRO D 111 18.60 -4.91 -0.50
C PRO D 111 18.42 -4.78 1.02
N ALA D 112 18.73 -3.62 1.59
CA ALA D 112 18.52 -3.41 3.03
C ALA D 112 17.04 -3.55 3.38
N SER D 113 16.19 -2.89 2.60
CA SER D 113 14.74 -2.93 2.82
C SER D 113 14.21 -4.33 2.64
N THR D 114 14.70 -4.98 1.59
CA THR D 114 14.24 -6.32 1.24
C THR D 114 14.61 -7.34 2.32
N TRP D 115 15.83 -7.30 2.82
CA TRP D 115 16.23 -8.28 3.83
C TRP D 115 15.48 -8.07 5.15
N VAL D 116 15.31 -6.82 5.58
CA VAL D 116 14.59 -6.57 6.83
C VAL D 116 13.07 -6.79 6.67
N PHE D 117 12.54 -6.45 5.50
CA PHE D 117 11.11 -6.56 5.20
C PHE D 117 10.87 -7.27 3.86
N PRO D 118 10.97 -8.60 3.86
CA PRO D 118 10.89 -9.36 2.59
C PRO D 118 9.46 -9.63 2.11
N THR D 119 8.47 -9.38 2.97
CA THR D 119 7.08 -9.79 2.66
C THR D 119 6.59 -9.30 1.29
N LEU D 120 6.74 -8.02 0.99
CA LEU D 120 6.23 -7.46 -0.27
C LEU D 120 6.93 -8.06 -1.48
N GLY D 121 8.24 -8.25 -1.40
CA GLY D 121 8.99 -8.80 -2.52
C GLY D 121 8.58 -10.23 -2.82
N ILE D 122 8.38 -11.01 -1.75
CA ILE D 122 7.92 -12.40 -1.88
C ILE D 122 6.53 -12.46 -2.53
N MET D 123 5.65 -11.57 -2.11
CA MET D 123 4.32 -11.48 -2.67
C MET D 123 4.35 -11.15 -4.17
N HIS D 124 5.36 -10.38 -4.58
CA HIS D 124 5.51 -10.01 -5.98
C HIS D 124 6.53 -10.89 -6.68
N HIS D 125 6.67 -12.12 -6.18
CA HIS D 125 7.30 -13.23 -6.91
C HIS D 125 8.83 -13.21 -6.85
N ASN D 126 9.39 -12.48 -5.88
CA ASN D 126 10.81 -12.56 -5.61
C ASN D 126 11.01 -13.65 -4.55
N LYS D 127 10.93 -14.91 -4.99
CA LYS D 127 10.93 -16.08 -4.11
C LYS D 127 12.09 -16.09 -3.12
N GLN D 128 13.30 -15.85 -3.64
CA GLN D 128 14.52 -15.89 -2.84
C GLN D 128 14.95 -14.49 -2.38
N ALA D 129 13.96 -13.62 -2.17
CA ALA D 129 14.19 -12.25 -1.71
C ALA D 129 15.25 -12.15 -0.60
N THR D 130 15.07 -12.90 0.48
CA THR D 130 15.97 -12.82 1.62
C THR D 130 17.41 -13.22 1.26
N GLU D 131 17.58 -14.41 0.66
CA GLU D 131 18.93 -14.86 0.36
CA GLU D 131 18.89 -14.91 0.26
C GLU D 131 19.60 -13.96 -0.68
N ASN D 132 18.83 -13.41 -1.62
CA ASN D 132 19.39 -12.51 -2.61
C ASN D 132 19.85 -11.20 -2.00
N ALA D 133 19.02 -10.64 -1.14
CA ALA D 133 19.37 -9.38 -0.47
C ALA D 133 20.57 -9.56 0.45
N LYS D 134 20.63 -10.70 1.14
CA LYS D 134 21.71 -10.98 2.07
C LYS D 134 23.06 -11.00 1.35
N GLU D 135 23.08 -11.58 0.15
CA GLU D 135 24.30 -11.58 -0.64
C GLU D 135 24.68 -10.16 -1.12
N GLU D 136 23.69 -9.36 -1.54
CA GLU D 136 24.02 -7.98 -1.94
C GLU D 136 24.57 -7.19 -0.76
N VAL D 137 23.99 -7.37 0.42
CA VAL D 137 24.44 -6.65 1.60
C VAL D 137 25.85 -7.10 1.97
N ARG D 138 26.11 -8.41 1.85
CA ARG D 138 27.44 -8.93 2.12
C ARG D 138 28.46 -8.24 1.23
N ARG D 139 28.13 -8.06 -0.05
CA ARG D 139 29.00 -7.36 -0.99
C ARG D 139 29.23 -5.88 -0.58
N ILE D 140 28.16 -5.22 -0.17
CA ILE D 140 28.23 -3.82 0.24
C ILE D 140 29.10 -3.61 1.48
N LEU D 141 28.91 -4.45 2.50
CA LEU D 141 29.67 -4.30 3.74
C LEU D 141 31.14 -4.57 3.49
N GLY D 142 31.40 -5.46 2.53
CA GLY D 142 32.77 -5.83 2.18
C GLY D 142 33.46 -4.68 1.46
N LEU D 143 32.68 -3.98 0.63
CA LEU D 143 33.15 -2.78 -0.07
C LEU D 143 33.49 -1.65 0.91
N LEU D 144 32.58 -1.40 1.85
CA LEU D 144 32.83 -0.40 2.89
C LEU D 144 34.02 -0.84 3.74
N ASP D 145 34.13 -2.14 3.99
CA ASP D 145 35.18 -2.63 4.90
C ASP D 145 36.56 -2.34 4.36
N ALA D 146 36.77 -2.61 3.07
CA ALA D 146 38.04 -2.35 2.43
C ALA D 146 38.33 -0.85 2.39
N TYR D 147 37.29 -0.07 2.14
CA TYR D 147 37.47 1.37 2.01
C TYR D 147 37.82 1.98 3.35
N LEU D 148 37.22 1.46 4.42
CA LEU D 148 37.40 2.05 5.75
C LEU D 148 38.58 1.46 6.51
N LYS D 149 39.31 0.53 5.90
CA LYS D 149 40.45 -0.12 6.54
C LYS D 149 41.40 0.92 7.12
N THR D 150 41.63 1.97 6.34
CA THR D 150 42.62 3.01 6.67
C THR D 150 41.99 4.38 6.93
N ARG D 151 40.67 4.44 7.00
CA ARG D 151 39.97 5.72 7.17
C ARG D 151 39.05 5.72 8.37
N THR D 152 38.94 6.87 9.04
CA THR D 152 37.97 7.03 10.14
C THR D 152 36.56 7.24 9.58
N PHE D 153 36.44 8.09 8.56
CA PHE D 153 35.14 8.39 7.98
C PHE D 153 35.21 8.28 6.46
N LEU D 154 34.07 8.30 5.80
CA LEU D 154 34.06 8.09 4.35
C LEU D 154 34.76 9.19 3.56
N VAL D 155 34.63 10.43 4.03
CA VAL D 155 35.17 11.59 3.30
C VAL D 155 35.94 12.49 4.26
N GLY D 156 37.18 12.82 3.91
CA GLY D 156 38.00 13.65 4.78
C GLY D 156 38.20 13.03 6.15
N GLU D 157 38.34 13.88 7.17
CA GLU D 157 38.68 13.39 8.50
C GLU D 157 37.61 13.64 9.54
N ARG D 158 36.43 14.05 9.12
CA ARG D 158 35.33 14.22 10.07
C ARG D 158 34.02 13.75 9.46
N VAL D 159 32.98 13.63 10.28
CA VAL D 159 31.66 13.24 9.81
C VAL D 159 31.17 14.18 8.70
N THR D 160 30.71 13.61 7.59
CA THR D 160 30.00 14.39 6.57
C THR D 160 28.62 13.80 6.35
N LEU D 161 27.88 14.37 5.41
CA LEU D 161 26.65 13.77 4.97
C LEU D 161 26.84 12.36 4.41
N ALA D 162 28.04 12.04 3.94
CA ALA D 162 28.33 10.67 3.51
C ALA D 162 28.09 9.67 4.63
N ASP D 163 28.71 9.90 5.79
CA ASP D 163 28.57 8.97 6.90
C ASP D 163 27.15 8.93 7.40
N ILE D 164 26.59 10.11 7.60
CA ILE D 164 25.22 10.21 8.09
C ILE D 164 24.27 9.42 7.22
N THR D 165 24.42 9.57 5.91
CA THR D 165 23.50 8.94 4.98
C THR D 165 23.68 7.42 4.94
N VAL D 166 24.93 6.95 4.84
CA VAL D 166 25.16 5.52 4.78
C VAL D 166 24.77 4.85 6.11
N VAL D 167 25.09 5.48 7.25
CA VAL D 167 24.69 4.92 8.55
C VAL D 167 23.17 4.74 8.67
N CYS D 168 22.43 5.77 8.27
CA CYS D 168 20.97 5.74 8.34
C CYS D 168 20.41 4.65 7.43
N THR D 169 21.03 4.48 6.27
CA THR D 169 20.61 3.44 5.34
C THR D 169 20.92 2.02 5.85
N LEU D 170 21.90 1.90 6.74
CA LEU D 170 22.28 0.62 7.33
C LEU D 170 21.65 0.34 8.69
N LEU D 171 20.94 1.32 9.24
CA LEU D 171 20.48 1.27 10.63
C LEU D 171 19.57 0.07 10.94
N TRP D 172 18.54 -0.17 10.12
CA TRP D 172 17.67 -1.33 10.37
C TRP D 172 18.40 -2.67 10.27
N LEU D 173 19.21 -2.82 9.23
CA LEU D 173 20.06 -4.01 9.09
C LEU D 173 20.86 -4.32 10.36
N TYR D 174 21.59 -3.34 10.87
CA TYR D 174 22.41 -3.56 12.08
C TYR D 174 21.55 -3.88 13.30
N LYS D 175 20.34 -3.34 13.38
CA LYS D 175 19.46 -3.63 14.49
C LYS D 175 18.79 -5.00 14.39
N GLN D 176 18.35 -5.36 13.18
CA GLN D 176 17.41 -6.47 12.98
C GLN D 176 18.00 -7.78 12.44
N VAL D 177 19.05 -7.72 11.62
CA VAL D 177 19.50 -8.95 10.93
C VAL D 177 21.01 -9.19 10.87
N LEU D 178 21.83 -8.16 11.09
CA LEU D 178 23.27 -8.34 10.94
C LEU D 178 23.86 -9.04 12.17
N GLU D 179 23.59 -10.33 12.28
CA GLU D 179 24.08 -11.20 13.36
C GLU D 179 25.59 -11.15 13.52
N PRO D 180 26.08 -11.37 14.76
CA PRO D 180 27.53 -11.39 14.99
C PRO D 180 28.30 -12.32 14.07
N SER D 181 27.76 -13.49 13.73
CA SER D 181 28.48 -14.41 12.85
C SER D 181 28.52 -13.92 11.42
N PHE D 182 27.53 -13.13 11.05
CA PHE D 182 27.52 -12.51 9.73
C PHE D 182 28.39 -11.25 9.68
N ARG D 183 28.26 -10.39 10.68
CA ARG D 183 28.95 -9.10 10.62
C ARG D 183 30.44 -9.21 11.01
N GLN D 184 30.79 -10.34 11.64
CA GLN D 184 32.16 -10.63 12.05
C GLN D 184 33.19 -10.36 10.96
N ALA D 185 32.81 -10.67 9.72
CA ALA D 185 33.68 -10.49 8.57
C ALA D 185 33.98 -9.03 8.22
N PHE D 186 33.28 -8.08 8.86
CA PHE D 186 33.45 -6.66 8.48
C PHE D 186 33.81 -5.75 9.67
N PRO D 187 34.95 -6.04 10.33
CA PRO D 187 35.33 -5.34 11.56
C PRO D 187 35.53 -3.85 11.36
N ASN D 188 36.07 -3.52 10.20
CA ASN D 188 36.20 -2.11 9.72
C ASN D 188 34.87 -1.32 9.59
N THR D 189 33.94 -1.93 8.89
CA THR D 189 32.64 -1.35 8.70
C THR D 189 31.97 -1.26 10.06
N ASN D 190 32.08 -2.30 10.89
CA ASN D 190 31.41 -2.32 12.20
C ASN D 190 31.98 -1.20 13.07
N ARG D 191 33.30 -0.99 12.96
CA ARG D 191 33.97 0.00 13.81
C ARG D 191 33.55 1.41 13.43
N TRP D 192 33.52 1.65 12.13
CA TRP D 192 33.07 2.94 11.61
C TRP D 192 31.62 3.22 12.00
N PHE D 193 30.76 2.21 11.85
CA PHE D 193 29.35 2.31 12.21
C PHE D 193 29.17 2.60 13.71
N LEU D 194 29.91 1.89 14.55
CA LEU D 194 29.89 2.16 15.99
C LEU D 194 30.42 3.56 16.33
N THR D 195 31.52 3.96 15.68
CA THR D 195 32.08 5.28 15.93
C THR D 195 31.08 6.39 15.56
N CYS D 196 30.33 6.20 14.48
CA CYS D 196 29.29 7.16 14.11
C CYS D 196 28.13 7.20 15.10
N ILE D 197 27.50 6.07 15.39
CA ILE D 197 26.24 6.12 16.12
C ILE D 197 26.44 6.48 17.58
N ASN D 198 27.67 6.36 18.06
CA ASN D 198 27.96 6.72 19.43
C ASN D 198 28.30 8.20 19.64
N GLN D 199 28.47 8.94 18.55
CA GLN D 199 28.66 10.37 18.70
C GLN D 199 27.37 11.01 19.20
N PRO D 200 27.50 12.08 20.00
CA PRO D 200 26.31 12.66 20.63
C PRO D 200 25.30 13.15 19.59
N GLN D 201 25.75 13.61 18.44
CA GLN D 201 24.84 14.10 17.42
C GLN D 201 23.98 12.97 16.85
N PHE D 202 24.56 11.79 16.70
CA PHE D 202 23.79 10.61 16.27
C PHE D 202 22.91 10.13 17.42
N ARG D 203 23.50 10.02 18.61
CA ARG D 203 22.77 9.58 19.79
C ARG D 203 21.51 10.43 20.09
N ALA D 204 21.61 11.73 19.90
CA ALA D 204 20.47 12.62 20.16
C ALA D 204 19.25 12.25 19.32
N VAL D 205 19.48 11.68 18.14
CA VAL D 205 18.38 11.34 17.24
C VAL D 205 18.06 9.86 17.32
N LEU D 206 19.10 9.03 17.47
CA LEU D 206 18.90 7.57 17.40
C LEU D 206 18.67 6.91 18.75
N GLY D 207 19.04 7.60 19.83
CA GLY D 207 19.01 7.01 21.15
C GLY D 207 20.10 5.95 21.25
N GLU D 208 19.96 5.02 22.20
CA GLU D 208 20.89 3.91 22.32
C GLU D 208 20.55 2.85 21.27
N VAL D 209 21.54 2.43 20.49
CA VAL D 209 21.30 1.43 19.45
C VAL D 209 21.83 0.05 19.83
N LYS D 210 20.94 -0.93 19.90
CA LYS D 210 21.33 -2.31 20.18
C LYS D 210 21.57 -3.06 18.87
N LEU D 211 22.79 -3.56 18.68
CA LEU D 211 23.09 -4.33 17.48
C LEU D 211 22.42 -5.71 17.56
N CYS D 212 22.06 -6.24 16.39
CA CYS D 212 21.45 -7.56 16.27
C CYS D 212 22.22 -8.63 17.04
N GLU D 213 21.50 -9.39 17.86
CA GLU D 213 22.10 -10.53 18.55
C GLU D 213 21.93 -11.78 17.70
N LYS D 214 22.55 -12.88 18.12
CA LYS D 214 22.39 -14.15 17.41
C LYS D 214 20.93 -14.60 17.33
N MET D 215 20.50 -14.97 16.12
CA MET D 215 19.12 -15.37 15.89
C MET D 215 19.00 -16.88 15.68
N GLY E 1 7.02 2.17 -2.09
CA GLY E 1 7.27 2.06 -3.52
C GLY E 1 6.14 1.39 -4.29
N ALA E 2 6.44 0.92 -5.49
CA ALA E 2 5.41 0.35 -6.36
C ALA E 2 4.76 -0.88 -5.74
N MET E 3 5.53 -1.66 -4.99
CA MET E 3 4.98 -2.90 -4.48
C MET E 3 3.98 -2.61 -3.37
N ALA E 4 4.37 -1.81 -2.39
CA ALA E 4 3.46 -1.45 -1.30
C ALA E 4 2.21 -0.76 -1.86
N THR E 5 2.41 0.07 -2.88
CA THR E 5 1.30 0.78 -3.49
C THR E 5 0.30 -0.17 -4.13
N ASN E 6 0.81 -1.14 -4.88
CA ASN E 6 -0.02 -2.21 -5.44
C ASN E 6 -0.73 -3.03 -4.34
N PHE E 7 0.03 -3.53 -3.37
CA PHE E 7 -0.58 -4.32 -2.30
C PHE E 7 -1.73 -3.57 -1.64
N LEU E 8 -1.50 -2.31 -1.27
CA LEU E 8 -2.55 -1.53 -0.59
C LEU E 8 -3.72 -1.25 -1.52
N ALA E 9 -3.45 -1.00 -2.81
CA ALA E 9 -4.54 -0.75 -3.77
C ALA E 9 -5.41 -1.99 -3.90
N HIS E 10 -4.78 -3.16 -3.81
CA HIS E 10 -5.49 -4.43 -3.95
C HIS E 10 -6.34 -4.76 -2.72
N GLU E 11 -5.77 -4.58 -1.53
CA GLU E 11 -6.46 -4.93 -0.28
C GLU E 11 -7.61 -3.97 0.09
N LYS E 12 -7.44 -2.70 -0.25
CA LYS E 12 -8.41 -1.66 0.13
C LYS E 12 -8.91 -1.77 1.57
N ILE E 13 -8.02 -1.91 2.54
CA ILE E 13 -8.45 -2.04 3.94
C ILE E 13 -9.13 -0.75 4.36
N TRP E 14 -10.28 -0.86 5.01
CA TRP E 14 -10.92 0.30 5.58
C TRP E 14 -10.33 0.64 6.96
N PHE E 15 -9.16 1.25 6.96
CA PHE E 15 -8.45 1.53 8.21
C PHE E 15 -9.23 2.48 9.11
N ASP E 16 -10.06 3.31 8.50
CA ASP E 16 -10.81 4.32 9.24
C ASP E 16 -12.17 3.82 9.69
N LYS E 17 -12.43 2.53 9.51
CA LYS E 17 -13.73 1.98 9.82
C LYS E 17 -14.15 2.28 11.27
N PHE E 18 -13.21 2.23 12.22
CA PHE E 18 -13.60 2.44 13.61
C PHE E 18 -14.12 3.86 13.82
N LYS E 19 -13.61 4.83 13.04
CA LYS E 19 -14.05 6.22 13.18
C LYS E 19 -15.49 6.37 12.70
N TYR E 20 -15.80 5.74 11.58
CA TYR E 20 -17.13 5.76 11.02
C TYR E 20 -18.15 5.02 11.90
N ASP E 21 -17.79 3.81 12.34
CA ASP E 21 -18.67 3.05 13.21
C ASP E 21 -18.95 3.81 14.51
N ASP E 22 -17.96 4.51 15.02
CA ASP E 22 -18.12 5.24 16.27
C ASP E 22 -19.02 6.47 16.11
N ALA E 23 -18.82 7.22 15.01
CA ALA E 23 -19.66 8.38 14.72
C ALA E 23 -21.12 7.96 14.49
N GLU E 24 -21.30 6.84 13.79
CA GLU E 24 -22.62 6.34 13.44
C GLU E 24 -23.35 5.89 14.71
N ARG E 25 -22.68 5.12 15.56
CA ARG E 25 -23.23 4.69 16.83
C ARG E 25 -23.73 5.90 17.64
N ARG E 26 -22.85 6.89 17.79
CA ARG E 26 -23.16 8.10 18.53
C ARG E 26 -24.36 8.83 17.93
N PHE E 27 -24.42 8.88 16.62
CA PHE E 27 -25.50 9.57 15.91
C PHE E 27 -26.86 8.96 16.27
N TYR E 28 -26.97 7.64 16.20
CA TYR E 28 -28.26 7.00 16.46
C TYR E 28 -28.58 6.91 17.95
N GLU E 29 -27.56 6.85 18.80
CA GLU E 29 -27.79 6.87 20.25
C GLU E 29 -28.43 8.19 20.70
N GLN E 30 -28.04 9.29 20.05
CA GLN E 30 -28.50 10.61 20.47
C GLN E 30 -29.94 10.97 20.08
N MET E 31 -30.58 10.16 19.23
CA MET E 31 -31.97 10.45 18.85
C MET E 31 -32.97 10.05 19.95
N ASN E 32 -32.49 10.04 21.19
CA ASN E 32 -33.34 9.74 22.34
C ASN E 32 -33.44 10.93 23.29
C1 GOL F . -5.86 -10.13 7.97
O1 GOL F . -6.62 -10.04 9.16
C2 GOL F . -4.52 -9.52 8.34
O2 GOL F . -3.64 -10.52 8.84
C3 GOL F . -3.88 -8.70 7.24
O3 GOL F . -4.77 -7.73 6.70
C1 GOL G . -20.77 -27.75 23.22
O1 GOL G . -20.25 -26.44 23.27
C2 GOL G . -21.01 -28.28 24.64
O2 GOL G . -20.56 -27.40 25.65
C3 GOL G . -22.50 -28.55 24.81
O3 GOL G . -22.65 -29.46 25.85
C1 GOL H . -6.31 -15.34 -16.04
O1 GOL H . -5.52 -14.39 -16.74
C2 GOL H . -7.53 -15.69 -16.88
O2 GOL H . -7.29 -15.46 -18.25
C3 GOL H . -7.91 -17.15 -16.65
O3 GOL H . -8.76 -17.60 -17.68
C1 GOL I . -24.42 3.69 4.89
O1 GOL I . -23.42 4.49 4.33
C2 GOL I . -24.98 2.85 3.76
O2 GOL I . -24.96 3.64 2.60
C3 GOL I . -24.13 1.59 3.55
O3 GOL I . -23.27 1.75 2.45
C1 GOL J . 39.99 -1.73 15.01
O1 GOL J . 39.17 -1.28 16.07
C2 GOL J . 39.08 -2.12 13.86
O2 GOL J . 39.20 -1.18 12.82
C3 GOL J . 39.46 -3.50 13.35
O3 GOL J . 38.97 -3.65 12.04
#